data_5MJH
#
_entry.id   5MJH
#
_cell.length_a   59.782
_cell.length_b   70.627
_cell.length_c   77.642
_cell.angle_alpha   90.00
_cell.angle_beta   93.01
_cell.angle_gamma   90.00
#
_symmetry.space_group_name_H-M   'P 1 21 1'
#
loop_
_entity.id
_entity.type
_entity.pdbx_description
1 polymer 'Dye type peroxidase A'
2 non-polymer 'PROTOPORPHYRIN IX CONTAINING FE'
3 non-polymer 'OXYGEN MOLECULE'
4 water water
#
_entity_poly.entity_id   1
_entity_poly.type   'polypeptide(L)'
_entity_poly.pdbx_seq_one_letter_code
;ATPLTSLGSEQAMFHGKHQPGITTPMQARGHLVAFDLAAGAGRKEAAALLRRWSDTARRLMAGEPAGSRDTDVARDAGPS
SLTVTFGFGHSFFGRTGLEKQRPVALDPLPDFSSDHLDKNRSNGDLWVQIGADDALVAFHALRAIQRDAGAAARVRWQMN
GFNRSPGATAHPMTARNLMGQVDGTRNPKPGEADFDRRIFVPEEPEAGKGGPAWMANGSYVVVRRIRMLLDDWEELSLKA
QEDVIGRRKSDGAPLSGGSGATESTEMDLEKTDGSGELVVPINAHARITRPDQNGGAAMVRRPFSYHDGFDADGVPDAGL
LFVCWQADPLRGFVPVQRKLDRGDALSQFIRHEASGLFAVPGGAAEGEYVGQRLLEG
;
_entity_poly.pdbx_strand_id   A,B
#
loop_
_chem_comp.id
_chem_comp.type
_chem_comp.name
_chem_comp.formula
HEM non-polymer 'PROTOPORPHYRIN IX CONTAINING FE' 'C34 H32 Fe N4 O4'
OXY non-polymer 'OXYGEN MOLECULE' O2
#
# COMPACT_ATOMS: atom_id res chain seq x y z
N THR A 2 -21.08 -13.95 -4.61
CA THR A 2 -19.61 -14.09 -4.42
C THR A 2 -19.27 -13.81 -2.95
N PRO A 3 -18.72 -14.81 -2.22
CA PRO A 3 -18.43 -14.56 -0.80
C PRO A 3 -17.13 -13.76 -0.61
N LEU A 4 -17.03 -13.09 0.53
CA LEU A 4 -15.86 -12.26 0.87
C LEU A 4 -14.59 -13.13 0.92
N THR A 5 -14.72 -14.38 1.36
CA THR A 5 -13.54 -15.27 1.39
C THR A 5 -12.90 -15.48 0.01
N SER A 6 -13.60 -15.18 -1.09
CA SER A 6 -13.00 -15.28 -2.42
C SER A 6 -11.73 -14.47 -2.61
N LEU A 7 -11.64 -13.34 -1.92
CA LEU A 7 -10.42 -12.53 -2.01
C LEU A 7 -9.16 -13.36 -1.67
N GLY A 8 -9.25 -14.09 -0.56
CA GLY A 8 -8.21 -14.96 -0.13
C GLY A 8 -8.13 -16.27 -0.87
N SER A 9 -9.26 -16.84 -1.28
CA SER A 9 -9.25 -18.26 -1.78
C SER A 9 -8.91 -18.37 -3.26
N GLU A 10 -9.14 -17.30 -4.03
CA GLU A 10 -8.82 -17.29 -5.43
C GLU A 10 -7.30 -17.49 -5.65
N GLN A 11 -7.01 -18.32 -6.64
CA GLN A 11 -5.67 -18.80 -6.89
C GLN A 11 -5.31 -18.68 -8.35
N ALA A 12 -4.24 -17.95 -8.64
CA ALA A 12 -3.70 -17.88 -9.99
C ALA A 12 -2.74 -19.05 -10.29
N MET A 13 -2.62 -19.42 -11.57
CA MET A 13 -1.81 -20.61 -11.94
C MET A 13 -0.39 -20.15 -12.21
N PHE A 14 0.60 -20.93 -11.71
CA PHE A 14 2.03 -20.70 -11.95
C PHE A 14 2.47 -21.37 -13.27
N HIS A 15 2.15 -22.66 -13.35
CA HIS A 15 2.55 -23.42 -14.52
C HIS A 15 1.61 -23.13 -15.67
N GLY A 16 2.20 -22.88 -16.82
CA GLY A 16 1.39 -22.68 -18.03
C GLY A 16 2.25 -22.28 -19.19
N LYS A 17 1.62 -22.13 -20.34
CA LYS A 17 2.30 -21.73 -21.56
C LYS A 17 2.87 -20.33 -21.37
N HIS A 18 2.10 -19.49 -20.68
CA HIS A 18 2.54 -18.11 -20.39
C HIS A 18 2.74 -17.89 -18.90
N GLN A 19 3.62 -16.96 -18.54
CA GLN A 19 3.78 -16.58 -17.14
C GLN A 19 2.53 -15.87 -16.62
N PRO A 20 2.16 -16.08 -15.34
CA PRO A 20 1.11 -15.23 -14.77
C PRO A 20 1.56 -13.79 -14.63
N GLY A 21 0.58 -12.92 -14.43
CA GLY A 21 0.80 -11.50 -14.29
C GLY A 21 0.79 -10.71 -15.58
N ILE A 22 0.29 -11.29 -16.67
CA ILE A 22 0.25 -10.63 -17.97
C ILE A 22 -1.22 -10.44 -18.33
N THR A 23 -1.95 -11.56 -18.42
CA THR A 23 -3.38 -11.57 -18.66
C THR A 23 -4.22 -11.71 -17.39
N THR A 24 -3.56 -12.04 -16.27
CA THR A 24 -4.15 -12.12 -14.97
C THR A 24 -4.95 -10.84 -14.64
N PRO A 25 -6.10 -10.98 -13.96
CA PRO A 25 -6.79 -9.74 -13.56
C PRO A 25 -5.97 -8.82 -12.69
N MET A 26 -6.34 -7.56 -12.66
N MET A 26 -6.36 -7.55 -12.68
CA MET A 26 -5.65 -6.62 -11.82
CA MET A 26 -5.89 -6.51 -11.74
C MET A 26 -5.74 -7.00 -10.36
C MET A 26 -5.77 -7.03 -10.32
N GLN A 27 -4.65 -6.73 -9.65
CA GLN A 27 -4.54 -7.00 -8.21
C GLN A 27 -4.46 -5.75 -7.39
N ALA A 28 -4.87 -5.87 -6.13
CA ALA A 28 -4.94 -4.67 -5.25
C ALA A 28 -3.57 -4.18 -4.79
N ARG A 29 -2.59 -5.07 -4.72
CA ARG A 29 -1.29 -4.73 -4.24
C ARG A 29 -0.21 -5.26 -5.18
N GLY A 30 0.75 -4.40 -5.51
CA GLY A 30 1.92 -4.74 -6.30
C GLY A 30 3.28 -4.34 -5.73
N HIS A 31 4.27 -5.16 -6.01
CA HIS A 31 5.69 -4.79 -5.77
C HIS A 31 6.41 -5.12 -7.06
N LEU A 32 7.11 -4.17 -7.64
CA LEU A 32 8.01 -4.35 -8.77
C LEU A 32 9.40 -4.21 -8.21
N VAL A 33 10.28 -5.14 -8.56
CA VAL A 33 11.64 -5.11 -8.08
C VAL A 33 12.61 -5.44 -9.22
N ALA A 34 13.72 -4.72 -9.27
CA ALA A 34 14.83 -5.06 -10.18
C ALA A 34 16.02 -5.48 -9.35
N PHE A 35 16.79 -6.43 -9.86
CA PHE A 35 18.01 -6.87 -9.23
C PHE A 35 19.17 -6.79 -10.22
N ASP A 36 20.36 -6.52 -9.71
CA ASP A 36 21.58 -6.62 -10.51
C ASP A 36 22.37 -7.79 -9.97
N LEU A 37 22.91 -8.62 -10.87
CA LEU A 37 23.81 -9.68 -10.49
C LEU A 37 25.03 -9.13 -9.76
N ALA A 38 25.45 -9.82 -8.71
CA ALA A 38 26.61 -9.40 -7.95
C ALA A 38 27.90 -9.81 -8.67
N ALA A 39 29.04 -9.24 -8.26
CA ALA A 39 30.35 -9.79 -8.68
C ALA A 39 30.40 -11.28 -8.33
N GLY A 40 30.83 -12.10 -9.28
CA GLY A 40 30.96 -13.54 -9.07
C GLY A 40 29.71 -14.31 -9.47
N ALA A 41 28.67 -13.58 -9.86
CA ALA A 41 27.45 -14.16 -10.36
C ALA A 41 27.44 -14.09 -11.89
N GLY A 42 27.63 -15.22 -12.52
CA GLY A 42 27.46 -15.39 -13.96
C GLY A 42 26.28 -16.29 -14.31
N ARG A 43 26.36 -16.98 -15.44
CA ARG A 43 25.23 -17.77 -15.95
C ARG A 43 24.76 -18.90 -15.02
N LYS A 44 25.70 -19.65 -14.48
CA LYS A 44 25.39 -20.75 -13.59
C LYS A 44 24.75 -20.23 -12.29
N GLU A 45 25.20 -19.07 -11.82
CA GLU A 45 24.65 -18.48 -10.60
C GLU A 45 23.24 -17.93 -10.87
N ALA A 46 23.04 -17.31 -12.03
CA ALA A 46 21.71 -16.91 -12.51
C ALA A 46 20.72 -18.07 -12.71
N ALA A 47 21.16 -19.20 -13.28
CA ALA A 47 20.27 -20.36 -13.38
C ALA A 47 19.79 -20.87 -12.02
N ALA A 48 20.73 -20.98 -11.08
CA ALA A 48 20.39 -21.39 -9.72
C ALA A 48 19.40 -20.38 -9.13
N LEU A 49 19.63 -19.08 -9.36
CA LEU A 49 18.72 -18.05 -8.85
C LEU A 49 17.31 -18.16 -9.42
N LEU A 50 17.19 -18.40 -10.72
CA LEU A 50 15.87 -18.57 -11.32
C LEU A 50 15.18 -19.86 -10.88
N ARG A 51 15.95 -20.94 -10.66
CA ARG A 51 15.41 -22.15 -10.04
C ARG A 51 14.84 -21.88 -8.63
N ARG A 52 15.60 -21.15 -7.80
CA ARG A 52 15.13 -20.76 -6.45
C ARG A 52 13.83 -19.98 -6.56
N TRP A 53 13.90 -18.88 -7.30
CA TRP A 53 12.78 -17.96 -7.52
C TRP A 53 11.56 -18.72 -8.04
N SER A 54 11.74 -19.57 -9.04
CA SER A 54 10.60 -20.34 -9.56
C SER A 54 9.94 -21.24 -8.52
N ASP A 55 10.76 -21.94 -7.73
CA ASP A 55 10.23 -22.76 -6.65
C ASP A 55 9.45 -21.94 -5.57
N THR A 56 9.98 -20.78 -5.21
CA THR A 56 9.30 -19.93 -4.27
C THR A 56 7.95 -19.46 -4.84
N ALA A 57 7.98 -18.99 -6.08
CA ALA A 57 6.78 -18.51 -6.79
C ALA A 57 5.73 -19.63 -6.82
N ARG A 58 6.16 -20.85 -7.17
CA ARG A 58 5.21 -21.95 -7.24
C ARG A 58 4.53 -22.21 -5.90
N ARG A 59 5.31 -22.25 -4.83
CA ARG A 59 4.78 -22.60 -3.52
C ARG A 59 3.82 -21.52 -3.09
N LEU A 60 4.32 -20.30 -3.19
CA LEU A 60 3.61 -19.17 -2.63
C LEU A 60 2.30 -18.88 -3.41
N MET A 61 2.36 -19.06 -4.72
CA MET A 61 1.16 -18.90 -5.53
C MET A 61 0.09 -19.94 -5.20
N ALA A 62 0.50 -21.12 -4.68
CA ALA A 62 -0.45 -22.12 -4.15
C ALA A 62 -0.92 -21.89 -2.70
N GLY A 63 -0.50 -20.79 -2.07
CA GLY A 63 -0.85 -20.51 -0.68
C GLY A 63 -0.05 -21.30 0.33
N GLU A 64 1.03 -21.93 -0.13
CA GLU A 64 1.93 -22.67 0.72
C GLU A 64 3.05 -21.80 1.24
N PRO A 65 3.60 -22.17 2.42
CA PRO A 65 4.79 -21.44 2.88
C PRO A 65 5.96 -21.64 1.96
N ALA A 66 6.92 -20.74 2.10
CA ALA A 66 8.21 -20.97 1.49
C ALA A 66 8.72 -22.35 1.89
N GLY A 67 9.58 -22.89 1.04
CA GLY A 67 10.12 -24.24 1.25
C GLY A 67 10.98 -24.39 2.50
N SER A 68 11.58 -23.29 2.92
CA SER A 68 12.36 -23.28 4.15
C SER A 68 12.48 -21.84 4.63
N ARG A 69 12.73 -21.68 5.93
CA ARG A 69 12.87 -20.37 6.56
C ARG A 69 11.66 -19.48 6.32
N ASP A 70 10.47 -20.08 6.32
CA ASP A 70 9.28 -19.27 6.10
C ASP A 70 9.06 -18.33 7.26
N THR A 71 8.64 -17.10 6.98
CA THR A 71 8.53 -16.08 8.00
C THR A 71 7.21 -16.14 8.75
N ASP A 72 6.22 -16.94 8.29
CA ASP A 72 4.84 -16.92 8.80
C ASP A 72 4.01 -15.66 8.48
N VAL A 73 4.54 -14.73 7.69
CA VAL A 73 3.82 -13.47 7.47
C VAL A 73 2.51 -13.71 6.70
N ALA A 74 2.51 -14.69 5.80
CA ALA A 74 1.33 -14.99 4.98
C ALA A 74 0.48 -16.10 5.60
N ARG A 75 0.87 -16.54 6.80
CA ARG A 75 0.24 -17.73 7.37
C ARG A 75 -1.22 -17.43 7.65
N ASP A 76 -2.08 -18.43 7.40
CA ASP A 76 -3.56 -18.39 7.51
C ASP A 76 -4.25 -17.78 6.29
N ALA A 77 -3.52 -16.98 5.50
CA ALA A 77 -4.12 -16.45 4.27
C ALA A 77 -4.14 -17.51 3.17
N GLY A 78 -5.18 -17.42 2.33
CA GLY A 78 -5.25 -18.08 1.07
C GLY A 78 -4.31 -17.42 0.08
N PRO A 79 -4.10 -18.04 -1.12
CA PRO A 79 -3.23 -17.53 -2.16
C PRO A 79 -3.47 -16.02 -2.50
N SER A 80 -4.72 -15.59 -2.35
CA SER A 80 -5.11 -14.18 -2.53
C SER A 80 -4.67 -13.70 -3.95
N SER A 81 -4.75 -14.60 -4.94
CA SER A 81 -4.45 -14.29 -6.33
C SER A 81 -3.04 -13.80 -6.53
N LEU A 82 -2.15 -14.25 -5.67
CA LEU A 82 -0.72 -13.98 -5.83
C LEU A 82 -0.20 -14.41 -7.20
N THR A 83 0.55 -13.52 -7.86
CA THR A 83 1.34 -13.89 -9.02
C THR A 83 2.72 -13.36 -8.91
N VAL A 84 3.66 -14.10 -9.49
CA VAL A 84 5.07 -13.73 -9.55
C VAL A 84 5.53 -13.92 -10.99
N THR A 85 6.21 -12.93 -11.55
CA THR A 85 6.55 -12.85 -12.96
C THR A 85 8.00 -12.39 -13.08
N PHE A 86 8.80 -13.07 -13.92
CA PHE A 86 10.26 -12.89 -14.04
C PHE A 86 10.66 -12.42 -15.42
N GLY A 87 11.55 -11.41 -15.50
CA GLY A 87 12.15 -10.99 -16.76
C GLY A 87 13.59 -10.58 -16.67
N PHE A 88 14.19 -10.38 -17.83
CA PHE A 88 15.63 -10.20 -18.03
C PHE A 88 15.84 -8.91 -18.76
N GLY A 89 16.80 -8.11 -18.30
CA GLY A 89 17.05 -6.83 -18.93
C GLY A 89 18.17 -7.01 -19.93
N HIS A 90 18.37 -5.98 -20.74
CA HIS A 90 19.44 -5.95 -21.75
C HIS A 90 20.83 -6.22 -21.16
N SER A 91 21.07 -5.69 -19.95
CA SER A 91 22.38 -5.75 -19.31
C SER A 91 22.70 -7.15 -18.82
N PHE A 92 21.68 -7.97 -18.59
CA PHE A 92 21.86 -9.33 -18.10
C PHE A 92 22.80 -10.15 -18.98
N PHE A 93 22.66 -9.97 -20.30
CA PHE A 93 23.25 -10.86 -21.24
C PHE A 93 24.76 -10.66 -21.31
N GLY A 94 25.23 -9.44 -21.16
CA GLY A 94 26.66 -9.18 -21.06
C GLY A 94 27.31 -9.67 -19.77
N ARG A 95 26.54 -9.79 -18.69
CA ARG A 95 27.08 -10.29 -17.42
C ARG A 95 27.21 -11.83 -17.32
N THR A 96 26.54 -12.57 -18.23
CA THR A 96 26.44 -14.03 -18.14
C THR A 96 27.02 -14.81 -19.34
N GLY A 97 27.58 -14.10 -20.32
CA GLY A 97 28.08 -14.70 -21.56
C GLY A 97 26.97 -15.10 -22.51
N LEU A 98 25.83 -14.38 -22.44
CA LEU A 98 24.64 -14.74 -23.22
C LEU A 98 24.32 -13.66 -24.26
N GLU A 99 25.34 -13.00 -24.78
CA GLU A 99 25.17 -11.90 -25.73
C GLU A 99 24.52 -12.39 -27.02
N LYS A 100 24.87 -13.60 -27.46
CA LYS A 100 24.24 -14.19 -28.64
C LYS A 100 22.73 -14.48 -28.50
N GLN A 101 22.23 -14.59 -27.26
CA GLN A 101 20.81 -14.81 -26.99
C GLN A 101 20.04 -13.54 -26.61
N ARG A 102 20.73 -12.40 -26.61
CA ARG A 102 20.08 -11.14 -26.29
C ARG A 102 19.10 -10.78 -27.43
N PRO A 103 17.80 -10.62 -27.12
CA PRO A 103 16.88 -10.23 -28.18
C PRO A 103 17.09 -8.79 -28.68
N VAL A 104 16.95 -8.59 -30.00
CA VAL A 104 16.86 -7.24 -30.60
C VAL A 104 15.80 -6.41 -29.90
N ALA A 105 14.71 -7.08 -29.51
CA ALA A 105 13.61 -6.44 -28.75
C ALA A 105 14.05 -5.79 -27.44
N LEU A 106 15.21 -6.15 -26.88
CA LEU A 106 15.72 -5.43 -25.69
C LEU A 106 16.62 -4.20 -25.96
N ASP A 107 16.80 -3.85 -27.24
CA ASP A 107 17.57 -2.66 -27.60
C ASP A 107 16.99 -1.46 -26.81
N PRO A 108 17.86 -0.52 -26.38
CA PRO A 108 17.40 0.54 -25.46
C PRO A 108 16.25 1.32 -26.06
N LEU A 109 15.25 1.61 -25.22
CA LEU A 109 14.19 2.53 -25.58
C LEU A 109 14.77 3.87 -26.05
N PRO A 110 14.06 4.60 -26.95
CA PRO A 110 14.45 5.97 -27.31
C PRO A 110 14.59 6.84 -26.08
N ASP A 111 15.41 7.88 -26.19
CA ASP A 111 15.47 8.93 -25.20
C ASP A 111 14.43 10.00 -25.59
N PHE A 112 13.23 9.86 -25.03
CA PHE A 112 12.13 10.74 -25.36
C PHE A 112 12.41 12.12 -24.80
N SER A 113 11.95 13.15 -25.50
CA SER A 113 12.34 14.51 -25.13
C SER A 113 11.81 14.83 -23.72
N SER A 114 10.59 14.35 -23.43
CA SER A 114 10.00 14.47 -22.09
C SER A 114 10.50 13.49 -21.00
N ASP A 115 11.45 12.59 -21.29
CA ASP A 115 12.03 11.74 -20.24
C ASP A 115 12.62 12.58 -19.10
N HIS A 116 12.43 12.12 -17.87
CA HIS A 116 13.08 12.69 -16.68
C HIS A 116 13.46 11.53 -15.76
N LEU A 117 14.20 10.59 -16.34
CA LEU A 117 14.45 9.28 -15.74
C LEU A 117 15.52 9.28 -14.66
N ASP A 118 15.23 8.58 -13.56
CA ASP A 118 16.22 8.22 -12.55
C ASP A 118 16.95 6.98 -13.02
N LYS A 119 18.21 7.18 -13.40
CA LYS A 119 19.05 6.09 -13.86
C LYS A 119 19.19 4.96 -12.85
N ASN A 120 19.24 5.32 -11.57
CA ASN A 120 19.41 4.31 -10.51
C ASN A 120 18.12 3.62 -10.07
N ARG A 121 16.99 4.12 -10.56
CA ARG A 121 15.70 3.44 -10.36
C ARG A 121 15.12 2.93 -11.70
N SER A 122 16.01 2.80 -12.70
CA SER A 122 15.65 2.35 -14.01
C SER A 122 16.42 1.10 -14.36
N ASN A 123 15.87 0.31 -15.29
CA ASN A 123 16.60 -0.84 -15.88
C ASN A 123 16.99 -1.93 -14.87
N GLY A 124 18.14 -2.57 -15.04
CA GLY A 124 18.53 -3.68 -14.18
C GLY A 124 18.68 -4.99 -14.92
N ASP A 125 19.46 -5.89 -14.37
CA ASP A 125 19.66 -7.19 -14.98
C ASP A 125 18.41 -8.05 -14.99
N LEU A 126 17.60 -7.97 -13.93
CA LEU A 126 16.51 -8.92 -13.70
C LEU A 126 15.35 -8.15 -13.09
N TRP A 127 14.13 -8.54 -13.43
CA TRP A 127 12.96 -7.88 -12.95
C TRP A 127 11.97 -8.89 -12.42
N VAL A 128 11.35 -8.58 -11.28
CA VAL A 128 10.31 -9.41 -10.72
C VAL A 128 9.08 -8.57 -10.39
N GLN A 129 7.92 -9.08 -10.80
CA GLN A 129 6.65 -8.41 -10.57
C GLN A 129 5.85 -9.29 -9.61
N ILE A 130 5.47 -8.75 -8.46
CA ILE A 130 4.69 -9.46 -7.50
C ILE A 130 3.38 -8.74 -7.35
N GLY A 131 2.26 -9.45 -7.35
CA GLY A 131 0.95 -8.82 -7.08
C GLY A 131 0.05 -9.77 -6.37
N ALA A 132 -0.84 -9.24 -5.59
CA ALA A 132 -1.80 -10.01 -4.82
C ALA A 132 -2.89 -9.10 -4.31
N ASP A 133 -4.00 -9.70 -3.87
CA ASP A 133 -5.09 -8.94 -3.30
C ASP A 133 -4.99 -8.82 -1.78
N ASP A 134 -3.97 -9.38 -1.15
CA ASP A 134 -3.71 -9.19 0.26
C ASP A 134 -2.31 -8.67 0.42
N ALA A 135 -2.16 -7.65 1.24
CA ALA A 135 -0.84 -7.02 1.36
C ALA A 135 0.20 -7.83 2.13
N LEU A 136 -0.19 -8.67 3.07
CA LEU A 136 0.74 -9.58 3.78
C LEU A 136 1.15 -10.68 2.87
N VAL A 137 0.21 -11.19 2.08
CA VAL A 137 0.65 -12.19 1.04
C VAL A 137 1.65 -11.57 0.07
N ALA A 138 1.41 -10.35 -0.37
CA ALA A 138 2.28 -9.72 -1.33
C ALA A 138 3.62 -9.41 -0.70
N PHE A 139 3.66 -8.85 0.50
CA PHE A 139 4.95 -8.56 1.15
C PHE A 139 5.77 -9.83 1.42
N HIS A 140 5.12 -10.86 1.90
CA HIS A 140 5.77 -12.15 2.15
C HIS A 140 6.43 -12.69 0.89
N ALA A 141 5.76 -12.55 -0.28
CA ALA A 141 6.38 -12.98 -1.54
C ALA A 141 7.53 -12.09 -1.92
N LEU A 142 7.39 -10.76 -1.80
CA LEU A 142 8.54 -9.88 -2.08
C LEU A 142 9.77 -10.24 -1.24
N ARG A 143 9.54 -10.43 0.05
CA ARG A 143 10.63 -10.66 0.95
C ARG A 143 11.28 -12.03 0.66
N ALA A 144 10.47 -13.01 0.26
CA ALA A 144 11.03 -14.35 -0.04
C ALA A 144 11.86 -14.31 -1.32
N ILE A 145 11.33 -13.66 -2.36
CA ILE A 145 12.07 -13.49 -3.62
C ILE A 145 13.37 -12.74 -3.35
N GLN A 146 13.30 -11.66 -2.57
CA GLN A 146 14.51 -10.88 -2.31
C GLN A 146 15.56 -11.68 -1.50
N ARG A 147 15.10 -12.46 -0.53
CA ARG A 147 16.00 -13.32 0.25
C ARG A 147 16.54 -14.53 -0.52
N ASP A 148 15.81 -14.99 -1.53
CA ASP A 148 16.36 -16.02 -2.46
C ASP A 148 17.56 -15.49 -3.22
N ALA A 149 17.55 -14.20 -3.54
CA ALA A 149 18.66 -13.57 -4.27
C ALA A 149 19.96 -13.78 -3.53
N GLY A 150 19.93 -13.59 -2.22
CA GLY A 150 21.10 -13.93 -1.39
C GLY A 150 22.32 -13.20 -1.92
N ALA A 151 23.42 -13.92 -2.10
CA ALA A 151 24.68 -13.33 -2.62
C ALA A 151 24.75 -13.24 -4.15
N ALA A 152 23.76 -13.79 -4.84
CA ALA A 152 23.76 -13.85 -6.29
C ALA A 152 23.44 -12.51 -6.91
N ALA A 153 22.70 -11.67 -6.19
CA ALA A 153 22.13 -10.45 -6.73
C ALA A 153 21.72 -9.49 -5.62
N ARG A 154 21.77 -8.19 -5.92
CA ARG A 154 21.34 -7.11 -5.03
C ARG A 154 20.10 -6.50 -5.61
N VAL A 155 19.29 -5.90 -4.75
CA VAL A 155 18.17 -5.07 -5.13
C VAL A 155 18.71 -3.76 -5.69
N ARG A 156 18.37 -3.50 -6.96
CA ARG A 156 18.71 -2.28 -7.64
C ARG A 156 17.67 -1.18 -7.33
N TRP A 157 16.41 -1.54 -7.53
CA TRP A 157 15.29 -0.67 -7.20
C TRP A 157 14.05 -1.50 -6.89
N GLN A 158 13.14 -0.88 -6.16
CA GLN A 158 11.90 -1.57 -5.78
C GLN A 158 10.85 -0.49 -5.59
N MET A 159 9.65 -0.74 -6.15
CA MET A 159 8.51 0.23 -6.11
C MET A 159 7.26 -0.51 -5.66
N ASN A 160 6.43 0.14 -4.83
CA ASN A 160 5.19 -0.44 -4.34
C ASN A 160 4.09 0.16 -5.14
N GLY A 161 3.02 -0.61 -5.40
CA GLY A 161 1.83 -0.14 -6.09
C GLY A 161 0.57 -0.71 -5.48
N PHE A 162 -0.52 -0.06 -5.85
CA PHE A 162 -1.84 -0.48 -5.42
C PHE A 162 -2.92 -0.21 -6.49
N ASN A 163 -4.02 -0.94 -6.29
CA ASN A 163 -5.22 -0.77 -7.11
C ASN A 163 -6.41 -0.96 -6.18
N ARG A 164 -7.60 -0.88 -6.79
CA ARG A 164 -8.80 -1.18 -6.15
C ARG A 164 -8.81 -2.59 -5.59
N SER A 165 -9.46 -2.75 -4.46
N SER A 165 -9.43 -2.74 -4.42
CA SER A 165 -9.68 -4.07 -3.89
CA SER A 165 -9.69 -4.06 -3.78
C SER A 165 -10.89 -4.82 -4.44
C SER A 165 -10.89 -4.81 -4.36
N PRO A 166 -10.80 -6.16 -4.47
CA PRO A 166 -12.03 -6.91 -4.74
C PRO A 166 -13.15 -6.54 -3.76
N GLY A 167 -14.38 -6.38 -4.25
CA GLY A 167 -15.50 -6.04 -3.37
C GLY A 167 -15.65 -4.57 -3.02
N ALA A 168 -14.71 -3.70 -3.42
CA ALA A 168 -14.89 -2.24 -3.18
C ALA A 168 -16.11 -1.65 -3.92
N THR A 169 -16.39 -2.18 -5.11
CA THR A 169 -17.55 -1.80 -5.91
C THR A 169 -18.67 -2.82 -5.71
N ALA A 170 -19.91 -2.39 -5.92
CA ALA A 170 -21.08 -3.32 -5.77
C ALA A 170 -21.13 -4.44 -6.81
N HIS A 171 -20.48 -4.24 -7.95
CA HIS A 171 -20.15 -5.32 -8.89
C HIS A 171 -18.87 -4.95 -9.63
N PRO A 172 -18.19 -5.97 -10.22
CA PRO A 172 -16.88 -5.67 -10.84
C PRO A 172 -16.94 -4.63 -11.95
N MET A 173 -16.03 -3.64 -11.89
CA MET A 173 -15.93 -2.59 -12.88
C MET A 173 -14.46 -2.36 -13.23
N THR A 174 -14.23 -1.76 -14.38
CA THR A 174 -12.92 -1.22 -14.74
C THR A 174 -12.33 -0.34 -13.61
N ALA A 175 -11.02 -0.48 -13.41
CA ALA A 175 -10.20 0.29 -12.46
C ALA A 175 -10.30 1.81 -12.66
N ARG A 176 -9.98 2.59 -11.64
CA ARG A 176 -9.54 3.95 -11.82
C ARG A 176 -8.12 4.15 -11.43
N ASN A 177 -7.56 5.26 -11.92
CA ASN A 177 -6.23 5.71 -11.55
C ASN A 177 -6.33 7.00 -10.67
N LEU A 178 -5.17 7.53 -10.25
CA LEU A 178 -5.23 8.62 -9.27
C LEU A 178 -5.55 9.97 -9.90
N MET A 179 -5.67 10.02 -11.22
CA MET A 179 -6.27 11.15 -11.92
C MET A 179 -7.81 11.08 -11.97
N GLY A 180 -8.36 10.02 -11.41
CA GLY A 180 -9.77 9.76 -11.38
C GLY A 180 -10.38 9.29 -12.67
N GLN A 181 -9.56 8.82 -13.58
CA GLN A 181 -10.02 8.28 -14.88
C GLN A 181 -10.31 6.82 -14.76
N VAL A 182 -11.32 6.39 -15.48
CA VAL A 182 -11.46 5.00 -15.84
C VAL A 182 -10.24 4.51 -16.66
N ASP A 183 -9.56 3.48 -16.21
CA ASP A 183 -8.27 3.16 -16.75
C ASP A 183 -8.19 1.66 -17.00
N GLY A 184 -8.28 1.26 -18.27
CA GLY A 184 -8.23 -0.18 -18.66
C GLY A 184 -9.33 -0.66 -19.63
N THR A 185 -10.25 0.22 -19.99
CA THR A 185 -11.34 -0.12 -20.87
C THR A 185 -10.93 -0.86 -22.13
N ARG A 186 -10.01 -0.27 -22.89
CA ARG A 186 -9.62 -0.82 -24.17
C ARG A 186 -8.37 -1.72 -24.09
N ASN A 187 -8.15 -2.36 -22.95
CA ASN A 187 -7.07 -3.35 -22.81
C ASN A 187 -7.43 -4.62 -23.59
N PRO A 188 -6.60 -5.01 -24.57
CA PRO A 188 -6.84 -6.28 -25.26
C PRO A 188 -7.00 -7.48 -24.29
N LYS A 189 -7.86 -8.46 -24.64
CA LYS A 189 -8.11 -9.68 -23.82
C LYS A 189 -7.96 -10.99 -24.65
N PRO A 190 -7.59 -12.13 -24.00
CA PRO A 190 -7.34 -13.40 -24.73
C PRO A 190 -8.31 -13.79 -25.87
N GLY A 191 -9.60 -13.62 -25.64
CA GLY A 191 -10.60 -14.03 -26.64
C GLY A 191 -10.71 -13.15 -27.89
N GLU A 192 -10.16 -11.93 -27.83
CA GLU A 192 -10.26 -10.98 -28.94
C GLU A 192 -9.32 -11.31 -30.11
N ALA A 193 -9.62 -10.74 -31.26
CA ALA A 193 -9.20 -11.25 -32.59
C ALA A 193 -7.71 -11.54 -32.82
N ASP A 194 -6.88 -10.54 -32.53
CA ASP A 194 -5.43 -10.53 -32.88
C ASP A 194 -4.54 -10.56 -31.61
N PHE A 195 -5.10 -11.06 -30.52
CA PHE A 195 -4.46 -10.91 -29.22
C PHE A 195 -3.08 -11.58 -29.12
N ASP A 196 -2.97 -12.87 -29.45
CA ASP A 196 -1.69 -13.56 -29.30
C ASP A 196 -0.57 -12.94 -30.12
N ARG A 197 -0.86 -12.63 -31.38
CA ARG A 197 0.12 -11.97 -32.24
C ARG A 197 0.59 -10.59 -31.65
N ARG A 198 -0.36 -9.84 -31.04
CA ARG A 198 -0.05 -8.57 -30.44
C ARG A 198 0.86 -8.65 -29.21
N ILE A 199 0.66 -9.69 -28.39
CA ILE A 199 1.18 -9.72 -27.02
C ILE A 199 2.31 -10.74 -26.82
N PHE A 200 2.29 -11.84 -27.57
CA PHE A 200 3.18 -12.94 -27.26
C PHE A 200 4.11 -13.33 -28.40
N VAL A 201 5.37 -13.65 -28.06
CA VAL A 201 6.35 -14.10 -29.03
C VAL A 201 5.81 -15.47 -29.45
N PRO A 202 5.80 -15.76 -30.76
CA PRO A 202 5.18 -16.98 -31.21
C PRO A 202 6.06 -18.20 -31.00
N GLU A 203 5.45 -19.39 -30.93
CA GLU A 203 6.17 -20.64 -31.19
C GLU A 203 6.56 -20.69 -32.67
N GLY A 211 13.67 -13.97 -33.79
CA GLY A 211 13.69 -13.72 -32.34
C GLY A 211 14.05 -15.00 -31.60
N PRO A 212 14.84 -14.88 -30.50
CA PRO A 212 15.53 -16.04 -29.95
C PRO A 212 14.55 -17.05 -29.36
N ALA A 213 14.78 -18.32 -29.65
CA ALA A 213 13.84 -19.37 -29.26
C ALA A 213 13.50 -19.40 -27.75
N TRP A 214 14.47 -19.07 -26.90
CA TRP A 214 14.25 -19.04 -25.45
C TRP A 214 13.14 -18.08 -24.98
N MET A 215 12.76 -17.10 -25.81
CA MET A 215 11.61 -16.22 -25.57
C MET A 215 10.28 -16.73 -26.13
N ALA A 216 10.23 -17.97 -26.65
CA ALA A 216 8.97 -18.50 -27.18
C ALA A 216 7.82 -18.44 -26.16
N ASN A 217 6.68 -17.87 -26.56
CA ASN A 217 5.51 -17.64 -25.71
C ASN A 217 5.71 -16.59 -24.61
N GLY A 218 6.80 -15.87 -24.67
CA GLY A 218 7.08 -14.80 -23.74
C GLY A 218 6.49 -13.51 -24.29
N SER A 219 6.79 -12.42 -23.59
CA SER A 219 6.33 -11.09 -23.90
C SER A 219 7.39 -10.09 -23.45
N TYR A 220 7.39 -8.89 -24.03
CA TYR A 220 8.28 -7.82 -23.60
C TYR A 220 7.47 -6.85 -22.76
N VAL A 221 7.97 -6.58 -21.56
CA VAL A 221 7.36 -5.59 -20.66
C VAL A 221 8.13 -4.28 -20.67
N VAL A 222 7.38 -3.20 -20.72
CA VAL A 222 7.93 -1.88 -20.50
C VAL A 222 7.27 -1.32 -19.25
N VAL A 223 8.11 -1.00 -18.26
CA VAL A 223 7.73 -0.37 -17.00
C VAL A 223 8.10 1.10 -17.06
N ARG A 224 7.13 1.96 -16.70
CA ARG A 224 7.42 3.38 -16.58
C ARG A 224 6.81 3.89 -15.27
N ARG A 225 7.68 4.43 -14.40
CA ARG A 225 7.18 5.13 -13.24
C ARG A 225 6.79 6.53 -13.70
N ILE A 226 5.49 6.80 -13.77
CA ILE A 226 5.00 8.04 -14.31
C ILE A 226 4.36 8.79 -13.18
N ARG A 227 5.00 9.88 -12.74
CA ARG A 227 4.41 10.76 -11.73
C ARG A 227 3.29 11.55 -12.30
N MET A 228 2.19 11.66 -11.57
CA MET A 228 1.06 12.44 -12.03
C MET A 228 1.20 13.80 -11.38
N LEU A 229 1.21 14.85 -12.17
CA LEU A 229 1.37 16.20 -11.64
C LEU A 229 0.00 16.62 -11.09
N LEU A 230 -0.40 15.98 -9.98
CA LEU A 230 -1.75 16.12 -9.46
C LEU A 230 -2.06 17.56 -9.02
N ASP A 231 -1.02 18.27 -8.61
CA ASP A 231 -1.22 19.69 -8.23
C ASP A 231 -1.70 20.51 -9.41
N ASP A 232 -1.18 20.25 -10.60
CA ASP A 232 -1.65 20.96 -11.77
C ASP A 232 -2.95 20.36 -12.32
N TRP A 233 -3.01 19.04 -12.34
CA TRP A 233 -4.17 18.33 -12.85
C TRP A 233 -5.45 18.72 -12.15
N GLU A 234 -5.38 18.81 -10.84
CA GLU A 234 -6.58 18.99 -10.03
C GLU A 234 -7.07 20.43 -10.00
N GLU A 235 -6.34 21.34 -10.65
CA GLU A 235 -6.85 22.69 -10.84
C GLU A 235 -7.55 22.85 -12.18
N LEU A 236 -7.63 21.78 -12.97
CA LEU A 236 -8.40 21.83 -14.22
C LEU A 236 -9.87 21.62 -13.99
N SER A 237 -10.68 22.23 -14.86
CA SER A 237 -12.09 21.97 -14.91
C SER A 237 -12.38 20.57 -15.39
N LEU A 238 -13.59 20.10 -15.16
CA LEU A 238 -13.96 18.77 -15.66
C LEU A 238 -13.86 18.70 -17.18
N LYS A 239 -14.37 19.74 -17.87
CA LYS A 239 -14.27 19.79 -19.31
C LYS A 239 -12.80 19.69 -19.78
N ALA A 240 -11.89 20.37 -19.12
CA ALA A 240 -10.53 20.36 -19.57
C ALA A 240 -9.90 18.98 -19.40
N GLN A 241 -10.21 18.33 -18.27
CA GLN A 241 -9.68 17.01 -17.99
C GLN A 241 -10.18 15.96 -18.98
N GLU A 242 -11.47 16.08 -19.31
CA GLU A 242 -12.11 15.15 -20.24
C GLU A 242 -11.55 15.33 -21.65
N ASP A 243 -11.25 16.59 -21.98
CA ASP A 243 -10.59 16.87 -23.28
C ASP A 243 -9.17 16.27 -23.35
N VAL A 244 -8.45 16.21 -22.22
CA VAL A 244 -7.08 15.66 -22.24
C VAL A 244 -7.10 14.18 -22.63
N ILE A 245 -8.11 13.44 -22.12
CA ILE A 245 -8.21 11.98 -22.40
C ILE A 245 -9.06 11.66 -23.64
N GLY A 246 -10.17 12.39 -23.82
CA GLY A 246 -11.14 12.02 -24.86
C GLY A 246 -12.26 11.14 -24.39
N ARG A 247 -12.27 10.86 -23.09
CA ARG A 247 -13.33 10.08 -22.46
C ARG A 247 -13.82 10.74 -21.21
N ARG A 248 -15.05 10.42 -20.84
CA ARG A 248 -15.72 11.01 -19.71
C ARG A 248 -15.19 10.36 -18.43
N LYS A 249 -15.09 11.16 -17.37
CA LYS A 249 -14.62 10.60 -16.08
C LYS A 249 -15.71 9.75 -15.40
N SER A 250 -16.96 10.25 -15.42
CA SER A 250 -18.06 9.60 -14.76
C SER A 250 -18.19 8.13 -15.13
N ASP A 251 -18.17 7.86 -16.43
CA ASP A 251 -18.40 6.50 -16.94
C ASP A 251 -17.39 5.95 -17.95
N GLY A 252 -16.33 6.71 -18.27
CA GLY A 252 -15.34 6.27 -19.24
C GLY A 252 -15.77 6.22 -20.68
N ALA A 253 -16.93 6.80 -21.04
CA ALA A 253 -17.39 6.74 -22.44
C ALA A 253 -16.59 7.67 -23.31
N PRO A 254 -16.46 7.37 -24.61
CA PRO A 254 -15.90 8.39 -25.51
C PRO A 254 -16.67 9.68 -25.46
N LEU A 255 -15.98 10.82 -25.58
CA LEU A 255 -16.73 12.09 -25.55
C LEU A 255 -17.72 12.16 -26.73
N SER A 256 -17.39 11.50 -27.81
CA SER A 256 -18.29 11.39 -28.97
C SER A 256 -19.61 10.68 -28.68
N GLY A 257 -19.66 9.89 -27.61
CA GLY A 257 -20.85 9.13 -27.24
C GLY A 257 -21.98 9.99 -26.72
N GLY A 258 -23.22 9.52 -26.87
CA GLY A 258 -24.39 10.21 -26.33
C GLY A 258 -24.67 9.93 -24.87
N SER A 259 -25.90 10.22 -24.44
CA SER A 259 -26.34 10.03 -23.07
C SER A 259 -26.45 8.55 -22.68
N GLY A 260 -26.65 7.70 -23.68
CA GLY A 260 -26.69 6.27 -23.51
C GLY A 260 -25.36 5.57 -23.60
N ALA A 261 -24.30 6.31 -23.92
CA ALA A 261 -23.00 5.68 -24.17
C ALA A 261 -22.34 5.31 -22.87
N THR A 262 -21.56 4.24 -22.93
CA THR A 262 -20.80 3.68 -21.80
C THR A 262 -19.33 3.51 -22.22
N GLU A 263 -18.48 3.02 -21.31
CA GLU A 263 -17.06 2.93 -21.60
C GLU A 263 -16.78 2.19 -22.89
N SER A 264 -17.57 1.15 -23.20
CA SER A 264 -17.33 0.30 -24.36
C SER A 264 -17.92 0.80 -25.67
N THR A 265 -18.69 1.87 -25.61
CA THR A 265 -19.27 2.47 -26.81
C THR A 265 -18.12 2.82 -27.71
N GLU A 266 -18.22 2.47 -28.98
CA GLU A 266 -17.10 2.68 -29.91
C GLU A 266 -16.90 4.17 -30.10
N MET A 267 -15.64 4.60 -30.13
CA MET A 267 -15.35 6.03 -30.27
C MET A 267 -15.63 6.44 -31.73
N ASP A 268 -16.15 7.66 -31.94
CA ASP A 268 -16.30 8.25 -33.28
C ASP A 268 -15.20 9.30 -33.47
N LEU A 269 -14.17 8.97 -34.22
CA LEU A 269 -13.00 9.90 -34.38
C LEU A 269 -13.23 11.05 -35.34
N GLU A 270 -14.29 10.97 -36.12
CA GLU A 270 -14.60 12.01 -37.10
C GLU A 270 -15.66 13.02 -36.66
N LYS A 271 -16.38 12.72 -35.57
CA LYS A 271 -17.51 13.52 -35.08
C LYS A 271 -17.07 14.91 -34.65
N THR A 272 -17.64 15.91 -35.30
CA THR A 272 -17.45 17.29 -34.92
C THR A 272 -18.69 17.79 -34.19
N ASP A 273 -18.52 18.89 -33.47
CA ASP A 273 -19.62 19.56 -32.77
C ASP A 273 -20.29 20.59 -33.70
N GLY A 274 -21.18 21.41 -33.15
CA GLY A 274 -21.90 22.43 -33.91
C GLY A 274 -21.02 23.44 -34.61
N SER A 275 -19.83 23.70 -34.07
CA SER A 275 -18.88 24.61 -34.69
C SER A 275 -17.85 23.94 -35.60
N GLY A 276 -18.04 22.66 -35.95
CA GLY A 276 -17.08 21.91 -36.78
C GLY A 276 -15.75 21.50 -36.11
N GLU A 277 -15.65 21.64 -34.78
CA GLU A 277 -14.50 21.16 -34.03
C GLU A 277 -14.76 19.72 -33.60
N LEU A 278 -13.69 18.92 -33.64
CA LEU A 278 -13.74 17.52 -33.22
C LEU A 278 -14.22 17.40 -31.77
N VAL A 279 -15.13 16.46 -31.54
CA VAL A 279 -15.63 16.22 -30.19
C VAL A 279 -14.60 15.48 -29.30
N VAL A 280 -13.94 14.46 -29.86
CA VAL A 280 -12.76 13.86 -29.24
C VAL A 280 -11.55 14.66 -29.76
N PRO A 281 -10.89 15.48 -28.90
CA PRO A 281 -9.81 16.31 -29.44
C PRO A 281 -8.70 15.58 -30.19
N ILE A 282 -8.09 16.30 -31.13
CA ILE A 282 -7.06 15.79 -31.99
C ILE A 282 -5.83 15.26 -31.26
N ASN A 283 -5.57 15.79 -30.06
CA ASN A 283 -4.47 15.37 -29.23
C ASN A 283 -4.93 14.65 -27.97
N ALA A 284 -6.19 14.20 -27.94
CA ALA A 284 -6.67 13.51 -26.75
C ALA A 284 -5.97 12.17 -26.61
N HIS A 285 -5.64 11.80 -25.38
CA HIS A 285 -4.81 10.63 -25.15
C HIS A 285 -5.42 9.33 -25.74
N ALA A 286 -6.69 9.14 -25.47
CA ALA A 286 -7.41 7.95 -25.90
C ALA A 286 -7.76 7.93 -27.38
N ARG A 287 -7.46 9.01 -28.10
CA ARG A 287 -7.45 8.99 -29.56
C ARG A 287 -6.13 8.51 -30.02
N ILE A 288 -5.08 9.24 -29.64
CA ILE A 288 -3.80 9.16 -30.32
C ILE A 288 -3.05 7.89 -29.95
N THR A 289 -3.44 7.27 -28.84
CA THR A 289 -2.83 6.01 -28.47
C THR A 289 -3.45 4.73 -29.13
N ARG A 290 -4.55 4.84 -29.87
CA ARG A 290 -5.20 3.62 -30.39
C ARG A 290 -4.33 2.91 -31.43
N PRO A 291 -4.40 1.56 -31.46
CA PRO A 291 -3.75 0.83 -32.55
C PRO A 291 -4.06 1.38 -33.96
N ASP A 292 -5.30 1.75 -34.26
CA ASP A 292 -5.61 2.29 -35.61
C ASP A 292 -5.05 3.68 -35.93
N GLN A 293 -4.56 4.40 -34.93
CA GLN A 293 -3.76 5.60 -35.10
C GLN A 293 -2.24 5.37 -35.10
N ASN A 294 -1.78 4.11 -35.06
CA ASN A 294 -0.35 3.83 -34.91
C ASN A 294 0.15 2.66 -35.73
N GLY A 295 -0.40 2.53 -36.93
CA GLY A 295 -0.06 1.41 -37.81
C GLY A 295 -0.26 0.04 -37.18
N GLY A 296 -1.22 -0.08 -36.26
CA GLY A 296 -1.47 -1.38 -35.60
C GLY A 296 -0.68 -1.65 -34.33
N ALA A 297 0.24 -0.76 -33.96
CA ALA A 297 0.90 -0.84 -32.63
C ALA A 297 -0.06 -1.00 -31.46
N ALA A 298 0.19 -2.00 -30.61
CA ALA A 298 -0.74 -2.40 -29.57
C ALA A 298 0.02 -2.97 -28.39
N MET A 299 -0.66 -2.97 -27.24
CA MET A 299 -0.08 -3.45 -26.02
C MET A 299 -1.18 -3.77 -25.06
N VAL A 300 -0.91 -4.70 -24.13
CA VAL A 300 -1.75 -4.90 -22.95
C VAL A 300 -1.18 -4.01 -21.85
N ARG A 301 -2.06 -3.29 -21.18
CA ARG A 301 -1.70 -2.40 -20.07
C ARG A 301 -2.23 -2.98 -18.80
N ARG A 302 -1.37 -3.04 -17.78
CA ARG A 302 -1.73 -3.74 -16.53
C ARG A 302 -0.94 -3.15 -15.41
N PRO A 303 -1.34 -1.93 -15.02
CA PRO A 303 -0.58 -1.09 -14.13
C PRO A 303 -0.97 -1.23 -12.69
N PHE A 304 -0.30 -0.46 -11.86
CA PHE A 304 -0.64 -0.24 -10.48
C PHE A 304 -0.55 1.27 -10.28
N SER A 305 -1.36 1.84 -9.40
CA SER A 305 -1.11 3.19 -8.90
C SER A 305 0.02 3.22 -7.85
N TYR A 306 0.67 4.36 -7.63
CA TYR A 306 1.60 4.49 -6.50
C TYR A 306 1.41 5.83 -5.78
N HIS A 307 1.75 5.84 -4.51
CA HIS A 307 1.88 7.01 -3.71
C HIS A 307 2.94 6.67 -2.68
N ASP A 308 4.07 7.38 -2.74
CA ASP A 308 5.18 7.16 -1.81
C ASP A 308 5.38 8.29 -0.80
N GLY A 309 4.43 9.20 -0.71
CA GLY A 309 4.54 10.31 0.22
C GLY A 309 4.60 11.66 -0.44
N PHE A 310 4.97 12.66 0.35
CA PHE A 310 5.16 14.00 -0.12
C PHE A 310 6.61 14.46 -0.04
N ASP A 311 7.03 15.31 -0.98
CA ASP A 311 8.36 15.92 -0.83
C ASP A 311 8.29 17.04 0.19
N ALA A 312 9.46 17.61 0.49
CA ALA A 312 9.53 18.71 1.46
C ALA A 312 8.65 19.91 1.15
N ASP A 313 8.30 20.11 -0.13
CA ASP A 313 7.45 21.23 -0.53
C ASP A 313 5.98 20.86 -0.69
N GLY A 314 5.61 19.65 -0.28
CA GLY A 314 4.21 19.25 -0.35
C GLY A 314 3.77 18.65 -1.67
N VAL A 315 4.71 18.19 -2.50
CA VAL A 315 4.33 17.73 -3.84
C VAL A 315 4.21 16.20 -3.75
N PRO A 316 3.06 15.62 -4.16
CA PRO A 316 2.93 14.18 -3.92
C PRO A 316 3.79 13.36 -4.85
N ASP A 317 4.51 12.40 -4.33
CA ASP A 317 5.22 11.42 -5.18
C ASP A 317 4.26 10.31 -5.48
N ALA A 318 3.34 10.61 -6.42
CA ALA A 318 2.14 9.78 -6.68
C ALA A 318 1.98 9.68 -8.19
N GLY A 319 1.40 8.57 -8.63
CA GLY A 319 1.25 8.38 -10.06
C GLY A 319 0.82 6.99 -10.49
N LEU A 320 1.29 6.61 -11.67
CA LEU A 320 1.01 5.31 -12.27
C LEU A 320 2.28 4.57 -12.51
N LEU A 321 2.33 3.38 -11.97
CA LEU A 321 3.31 2.36 -12.36
C LEU A 321 2.75 1.71 -13.60
N PHE A 322 3.03 2.34 -14.72
CA PHE A 322 2.61 1.86 -16.03
C PHE A 322 3.40 0.62 -16.43
N VAL A 323 2.69 -0.48 -16.68
CA VAL A 323 3.30 -1.73 -17.06
C VAL A 323 2.54 -2.17 -18.27
N CYS A 324 3.24 -2.33 -19.38
CA CYS A 324 2.61 -2.74 -20.63
C CYS A 324 3.36 -3.90 -21.26
N TRP A 325 2.58 -4.67 -22.03
CA TRP A 325 2.98 -5.99 -22.48
C TRP A 325 2.76 -6.07 -24.01
N GLN A 326 3.77 -6.58 -24.71
CA GLN A 326 3.74 -6.69 -26.15
C GLN A 326 4.72 -7.74 -26.68
N ALA A 327 4.42 -8.24 -27.88
CA ALA A 327 5.33 -9.13 -28.57
C ALA A 327 6.60 -8.44 -29.01
N ASP A 328 6.55 -7.14 -29.31
CA ASP A 328 7.73 -6.39 -29.79
C ASP A 328 7.54 -4.90 -29.43
N PRO A 329 8.44 -4.34 -28.59
CA PRO A 329 8.23 -2.91 -28.23
C PRO A 329 8.14 -1.96 -29.41
N LEU A 330 8.84 -2.27 -30.51
CA LEU A 330 8.77 -1.46 -31.73
C LEU A 330 7.41 -1.45 -32.45
N ARG A 331 6.53 -2.40 -32.12
CA ARG A 331 5.11 -2.29 -32.50
C ARG A 331 4.16 -2.32 -31.33
N GLY A 332 4.61 -1.65 -30.26
CA GLY A 332 3.77 -1.34 -29.11
C GLY A 332 4.18 -0.04 -28.48
N PHE A 333 4.72 -0.12 -27.25
CA PHE A 333 5.18 1.04 -26.49
C PHE A 333 5.90 2.11 -27.27
N VAL A 334 6.93 1.71 -28.03
CA VAL A 334 7.86 2.65 -28.61
C VAL A 334 7.20 3.59 -29.62
N PRO A 335 6.50 3.06 -30.64
CA PRO A 335 5.93 4.04 -31.55
C PRO A 335 4.83 4.86 -30.88
N VAL A 336 4.09 4.30 -29.92
CA VAL A 336 3.01 5.08 -29.27
C VAL A 336 3.64 6.18 -28.42
N GLN A 337 4.62 5.85 -27.58
CA GLN A 337 5.29 6.90 -26.82
C GLN A 337 5.98 8.00 -27.66
N ARG A 338 6.52 7.61 -28.81
CA ARG A 338 7.06 8.58 -29.77
C ARG A 338 5.97 9.61 -30.14
N LYS A 339 4.76 9.14 -30.36
CA LYS A 339 3.61 10.00 -30.64
C LYS A 339 3.19 10.83 -29.41
N LEU A 340 3.22 10.20 -28.24
CA LEU A 340 2.73 10.89 -27.04
C LEU A 340 3.65 11.97 -26.52
N ASP A 341 4.94 11.72 -26.63
CA ASP A 341 6.00 12.55 -26.06
C ASP A 341 5.69 14.04 -26.05
N ARG A 342 5.46 14.61 -27.23
CA ARG A 342 5.02 16.02 -27.35
C ARG A 342 3.56 16.14 -27.81
N GLY A 343 3.06 15.12 -28.50
CA GLY A 343 1.76 15.19 -29.15
C GLY A 343 0.59 15.07 -28.22
N ASP A 344 0.78 14.36 -27.10
CA ASP A 344 -0.30 14.03 -26.18
C ASP A 344 -0.71 15.24 -25.30
N ALA A 345 -1.99 15.57 -25.24
CA ALA A 345 -2.50 16.52 -24.24
C ALA A 345 -2.14 16.14 -22.80
N LEU A 346 -2.04 14.84 -22.56
CA LEU A 346 -1.75 14.37 -21.19
C LEU A 346 -0.35 14.70 -20.78
N SER A 347 0.56 14.86 -21.74
CA SER A 347 2.00 14.86 -21.40
C SER A 347 2.34 15.99 -20.45
N GLN A 348 1.59 17.07 -20.56
CA GLN A 348 1.71 18.24 -19.69
C GLN A 348 1.51 17.96 -18.18
N PHE A 349 0.75 16.92 -17.88
CA PHE A 349 0.37 16.61 -16.53
C PHE A 349 1.00 15.35 -15.95
N ILE A 350 2.02 14.84 -16.63
CA ILE A 350 2.77 13.67 -16.19
C ILE A 350 4.26 13.87 -16.35
N ARG A 351 5.02 13.10 -15.61
CA ARG A 351 6.44 13.02 -15.92
C ARG A 351 6.93 11.60 -15.77
N HIS A 352 7.55 11.11 -16.81
CA HIS A 352 8.18 9.81 -16.74
C HIS A 352 9.50 9.84 -15.97
N GLU A 353 9.57 9.14 -14.84
CA GLU A 353 10.70 9.28 -13.90
C GLU A 353 11.52 8.02 -13.69
N ALA A 354 11.10 6.92 -14.30
CA ALA A 354 11.91 5.69 -14.27
C ALA A 354 11.41 4.81 -15.38
N SER A 355 12.24 3.88 -15.85
CA SER A 355 11.87 3.05 -16.96
C SER A 355 12.56 1.71 -16.85
N GLY A 356 11.96 0.70 -17.44
CA GLY A 356 12.62 -0.61 -17.56
C GLY A 356 12.01 -1.31 -18.75
N LEU A 357 12.86 -2.09 -19.44
CA LEU A 357 12.40 -2.93 -20.55
C LEU A 357 12.96 -4.31 -20.30
N PHE A 358 12.10 -5.30 -20.13
CA PHE A 358 12.54 -6.65 -19.77
C PHE A 358 11.89 -7.69 -20.68
N ALA A 359 12.63 -8.76 -20.95
CA ALA A 359 12.14 -9.92 -21.68
C ALA A 359 11.62 -10.96 -20.68
N VAL A 360 10.34 -11.27 -20.77
CA VAL A 360 9.60 -12.13 -19.88
C VAL A 360 9.30 -13.42 -20.64
N PRO A 361 10.03 -14.51 -20.37
CA PRO A 361 9.86 -15.73 -21.19
C PRO A 361 8.53 -16.40 -20.92
N GLY A 362 8.27 -17.51 -21.61
CA GLY A 362 7.08 -18.30 -21.36
C GLY A 362 7.06 -18.86 -19.96
N GLY A 363 5.92 -19.42 -19.61
CA GLY A 363 5.66 -19.88 -18.27
C GLY A 363 6.39 -21.17 -18.07
N ALA A 364 6.56 -21.54 -16.81
CA ALA A 364 7.23 -22.80 -16.49
C ALA A 364 6.27 -23.98 -16.62
N ALA A 365 6.68 -25.00 -17.37
CA ALA A 365 5.95 -26.28 -17.37
C ALA A 365 6.16 -27.05 -16.08
N GLU A 366 5.43 -28.15 -15.91
CA GLU A 366 5.55 -28.94 -14.69
C GLU A 366 7.00 -29.45 -14.52
N GLY A 367 7.49 -29.36 -13.29
CA GLY A 367 8.88 -29.64 -13.00
C GLY A 367 9.94 -28.78 -13.67
N GLU A 368 9.58 -27.61 -14.22
CA GLU A 368 10.54 -26.69 -14.86
C GLU A 368 10.72 -25.44 -14.03
N TYR A 369 11.81 -24.71 -14.29
CA TYR A 369 11.95 -23.30 -13.82
C TYR A 369 11.86 -22.27 -14.95
N VAL A 370 11.55 -21.03 -14.58
CA VAL A 370 11.33 -19.94 -15.54
C VAL A 370 12.67 -19.46 -16.09
N GLY A 371 12.73 -19.37 -17.42
CA GLY A 371 13.94 -18.99 -18.13
C GLY A 371 14.90 -20.14 -18.38
N GLN A 372 14.45 -21.37 -18.19
CA GLN A 372 15.32 -22.60 -18.27
C GLN A 372 15.96 -22.74 -19.64
N ARG A 373 15.19 -22.48 -20.70
CA ARG A 373 15.72 -22.67 -22.05
C ARG A 373 16.84 -21.64 -22.38
N LEU A 374 16.82 -20.45 -21.74
CA LEU A 374 17.90 -19.46 -21.83
C LEU A 374 19.13 -19.84 -21.02
N LEU A 375 18.91 -20.22 -19.76
CA LEU A 375 19.99 -20.35 -18.77
C LEU A 375 20.65 -21.74 -18.72
N GLU A 376 20.05 -22.72 -19.39
CA GLU A 376 20.53 -24.11 -19.39
C GLU A 376 20.31 -24.76 -20.77
N ALA B 1 -23.35 -16.20 5.38
CA ALA B 1 -22.44 -15.89 4.23
C ALA B 1 -22.17 -14.40 4.14
N THR B 2 -20.92 -13.99 4.36
CA THR B 2 -20.55 -12.58 4.18
C THR B 2 -20.20 -12.35 2.70
N PRO B 3 -20.95 -11.45 2.02
CA PRO B 3 -20.67 -11.24 0.60
C PRO B 3 -19.42 -10.42 0.37
N LEU B 4 -18.77 -10.66 -0.75
CA LEU B 4 -17.57 -9.90 -1.13
C LEU B 4 -17.84 -8.40 -1.18
N THR B 5 -19.04 -8.04 -1.59
CA THR B 5 -19.43 -6.63 -1.66
C THR B 5 -19.44 -5.90 -0.33
N SER B 6 -19.39 -6.64 0.79
CA SER B 6 -19.34 -6.06 2.15
CA SER B 6 -19.37 -6.03 2.13
C SER B 6 -18.14 -5.16 2.34
N LEU B 7 -17.05 -5.54 1.66
CA LEU B 7 -15.83 -4.79 1.80
C LEU B 7 -16.10 -3.33 1.44
N GLY B 8 -16.68 -3.09 0.29
CA GLY B 8 -17.00 -1.74 -0.15
C GLY B 8 -18.21 -1.13 0.50
N SER B 9 -19.23 -1.92 0.84
N SER B 9 -19.24 -1.93 0.79
CA SER B 9 -20.49 -1.36 1.33
CA SER B 9 -20.48 -1.39 1.35
C SER B 9 -20.44 -1.01 2.84
C SER B 9 -20.34 -0.92 2.79
N GLU B 10 -19.55 -1.67 3.58
CA GLU B 10 -19.37 -1.36 5.02
C GLU B 10 -19.00 0.13 5.24
N GLN B 11 -19.73 0.73 6.18
CA GLN B 11 -19.63 2.16 6.40
C GLN B 11 -19.47 2.42 7.88
N ALA B 12 -18.47 3.23 8.24
CA ALA B 12 -18.18 3.59 9.63
C ALA B 12 -18.90 4.90 9.92
N MET B 13 -19.33 5.08 11.16
CA MET B 13 -20.01 6.31 11.62
C MET B 13 -19.00 7.45 11.78
N PHE B 14 -19.28 8.61 11.20
CA PHE B 14 -18.53 9.84 11.47
C PHE B 14 -19.00 10.40 12.81
N HIS B 15 -20.30 10.56 12.95
CA HIS B 15 -20.83 11.12 14.18
C HIS B 15 -20.84 10.06 15.25
N GLY B 16 -20.40 10.43 16.44
CA GLY B 16 -20.43 9.51 17.57
C GLY B 16 -19.92 10.17 18.82
N LYS B 17 -20.08 9.46 19.92
CA LYS B 17 -19.49 9.81 21.21
C LYS B 17 -17.97 9.94 21.02
N HIS B 18 -17.37 8.92 20.42
CA HIS B 18 -15.92 8.87 20.14
C HIS B 18 -15.71 9.01 18.65
N GLN B 19 -14.59 9.61 18.26
CA GLN B 19 -14.27 9.72 16.85
C GLN B 19 -14.07 8.30 16.30
N PRO B 20 -14.30 8.09 15.01
CA PRO B 20 -13.93 6.80 14.38
C PRO B 20 -12.40 6.55 14.32
N GLY B 21 -11.99 5.30 14.06
CA GLY B 21 -10.60 4.97 13.96
C GLY B 21 -9.86 4.63 15.24
N ILE B 22 -10.61 4.34 16.29
CA ILE B 22 -10.06 3.99 17.59
C ILE B 22 -10.49 2.58 17.92
N THR B 23 -11.81 2.36 17.93
CA THR B 23 -12.37 1.03 18.13
C THR B 23 -12.83 0.39 16.83
N THR B 24 -12.83 1.16 15.74
CA THR B 24 -13.10 0.67 14.40
C THR B 24 -12.23 -0.54 14.11
N PRO B 25 -12.80 -1.57 13.44
CA PRO B 25 -11.97 -2.72 13.10
C PRO B 25 -10.75 -2.33 12.25
N MET B 26 -9.72 -3.17 12.28
CA MET B 26 -8.55 -3.06 11.45
C MET B 26 -8.93 -2.89 10.00
N GLN B 27 -8.22 -1.97 9.36
CA GLN B 27 -8.39 -1.63 7.96
C GLN B 27 -7.15 -2.02 7.14
N ALA B 28 -7.39 -2.33 5.87
CA ALA B 28 -6.34 -2.78 4.97
C ALA B 28 -5.32 -1.73 4.57
N ARG B 29 -5.71 -0.45 4.58
CA ARG B 29 -4.84 0.62 4.06
C ARG B 29 -4.94 1.79 5.03
N GLY B 30 -3.80 2.43 5.28
CA GLY B 30 -3.68 3.46 6.23
C GLY B 30 -2.74 4.54 5.73
N HIS B 31 -3.08 5.79 6.05
CA HIS B 31 -2.21 6.94 5.74
C HIS B 31 -2.21 7.79 6.98
N LEU B 32 -1.05 8.02 7.59
CA LEU B 32 -0.97 8.93 8.72
C LEU B 32 -0.29 10.17 8.24
N VAL B 33 -0.80 11.33 8.65
CA VAL B 33 -0.28 12.62 8.21
C VAL B 33 -0.23 13.57 9.39
N ALA B 34 0.83 14.36 9.42
CA ALA B 34 0.93 15.52 10.32
C ALA B 34 1.05 16.78 9.52
N PHE B 35 0.39 17.84 10.02
CA PHE B 35 0.40 19.17 9.44
C PHE B 35 0.89 20.17 10.45
N ASP B 36 1.59 21.18 9.99
CA ASP B 36 1.95 22.28 10.82
C ASP B 36 1.19 23.48 10.27
N LEU B 37 0.64 24.27 11.17
CA LEU B 37 0.01 25.49 10.81
C LEU B 37 0.98 26.47 10.14
N ALA B 38 0.48 27.14 9.10
CA ALA B 38 1.27 28.16 8.42
C ALA B 38 1.56 29.33 9.32
N ALA B 39 2.62 30.07 8.97
CA ALA B 39 2.89 31.35 9.62
C ALA B 39 1.66 32.23 9.47
N GLY B 40 1.20 32.81 10.56
CA GLY B 40 0.01 33.65 10.50
C GLY B 40 -1.33 32.92 10.48
N ALA B 41 -1.32 31.59 10.56
CA ALA B 41 -2.55 30.87 10.87
C ALA B 41 -2.68 30.87 12.39
N GLY B 42 -3.78 31.41 12.91
CA GLY B 42 -4.06 31.34 14.33
C GLY B 42 -5.35 30.58 14.59
N ARG B 43 -6.01 30.92 15.68
CA ARG B 43 -7.23 30.28 16.09
C ARG B 43 -8.32 30.28 15.01
N LYS B 44 -8.55 31.44 14.42
CA LYS B 44 -9.57 31.59 13.38
C LYS B 44 -9.32 30.71 12.15
N GLU B 45 -8.07 30.64 11.71
CA GLU B 45 -7.72 29.86 10.53
C GLU B 45 -7.76 28.38 10.90
N ALA B 46 -7.33 27.99 12.10
CA ALA B 46 -7.40 26.60 12.54
C ALA B 46 -8.84 26.10 12.68
N ALA B 47 -9.73 26.94 13.21
CA ALA B 47 -11.15 26.58 13.33
C ALA B 47 -11.74 26.33 11.94
N ALA B 48 -11.38 27.18 10.99
CA ALA B 48 -11.91 27.06 9.65
C ALA B 48 -11.38 25.77 9.02
N LEU B 49 -10.13 25.48 9.24
CA LEU B 49 -9.53 24.24 8.74
C LEU B 49 -10.25 23.02 9.29
N LEU B 50 -10.49 23.00 10.60
CA LEU B 50 -11.15 21.85 11.23
C LEU B 50 -12.57 21.64 10.73
N ARG B 51 -13.27 22.74 10.49
CA ARG B 51 -14.57 22.67 9.84
C ARG B 51 -14.50 22.10 8.44
N ARG B 52 -13.57 22.56 7.62
CA ARG B 52 -13.37 22.02 6.26
C ARG B 52 -13.11 20.54 6.34
N TRP B 53 -12.16 20.16 7.19
CA TRP B 53 -11.78 18.73 7.33
C TRP B 53 -12.94 17.86 7.80
N SER B 54 -13.73 18.37 8.72
CA SER B 54 -14.84 17.63 9.28
C SER B 54 -15.90 17.44 8.21
N ASP B 55 -16.16 18.48 7.40
CA ASP B 55 -17.15 18.38 6.34
C ASP B 55 -16.67 17.34 5.30
N THR B 56 -15.41 17.42 4.94
CA THR B 56 -14.78 16.47 4.05
C THR B 56 -14.84 15.01 4.58
N ALA B 57 -14.48 14.82 5.84
CA ALA B 57 -14.58 13.51 6.52
C ALA B 57 -15.95 12.94 6.46
N ARG B 58 -16.92 13.79 6.78
CA ARG B 58 -18.31 13.35 6.84
CA ARG B 58 -18.29 13.33 6.85
C ARG B 58 -18.75 12.83 5.48
N ARG B 59 -18.49 13.61 4.43
CA ARG B 59 -18.90 13.25 3.08
C ARG B 59 -18.20 11.96 2.65
N LEU B 60 -16.88 11.95 2.83
CA LEU B 60 -16.10 10.78 2.34
C LEU B 60 -16.45 9.50 3.05
N MET B 61 -16.63 9.57 4.36
CA MET B 61 -17.01 8.40 5.12
C MET B 61 -18.34 7.81 4.70
N ALA B 62 -19.21 8.63 4.10
CA ALA B 62 -20.50 8.15 3.60
C ALA B 62 -20.42 7.83 2.10
N GLY B 63 -19.22 7.83 1.51
CA GLY B 63 -19.06 7.54 0.07
C GLY B 63 -19.47 8.67 -0.84
N GLU B 64 -19.68 9.87 -0.31
CA GLU B 64 -20.10 11.00 -1.13
C GLU B 64 -18.86 11.76 -1.59
N PRO B 65 -18.87 12.40 -2.78
CA PRO B 65 -17.68 13.14 -3.17
C PRO B 65 -17.42 14.35 -2.27
N ALA B 66 -16.19 14.86 -2.34
CA ALA B 66 -15.80 16.04 -1.55
C ALA B 66 -16.62 17.31 -1.88
N GLY B 67 -16.93 17.46 -3.17
CA GLY B 67 -17.49 18.68 -3.77
C GLY B 67 -17.53 18.57 -5.31
N SER B 68 -17.55 19.70 -6.00
CA SER B 68 -17.77 19.77 -7.47
C SER B 68 -16.60 19.16 -8.25
N ARG B 69 -15.40 19.60 -7.92
CA ARG B 69 -14.16 19.09 -8.51
C ARG B 69 -13.50 18.05 -7.59
N ASP B 70 -14.33 17.23 -6.95
CA ASP B 70 -13.87 15.94 -6.43
C ASP B 70 -13.09 15.26 -7.56
N THR B 71 -12.01 14.59 -7.21
CA THR B 71 -11.14 14.00 -8.27
C THR B 71 -11.71 12.79 -8.96
N ASP B 72 -12.85 12.26 -8.48
CA ASP B 72 -13.45 11.00 -8.96
C ASP B 72 -12.57 9.75 -8.66
N VAL B 73 -11.50 9.88 -7.86
CA VAL B 73 -10.65 8.72 -7.60
C VAL B 73 -11.36 7.58 -6.86
N ALA B 74 -12.28 7.93 -5.99
CA ALA B 74 -13.07 6.96 -5.20
C ALA B 74 -14.39 6.67 -5.86
N ARG B 75 -14.63 7.21 -7.06
CA ARG B 75 -15.90 6.98 -7.69
C ARG B 75 -16.08 5.50 -8.00
N ASP B 76 -17.34 5.08 -7.81
CA ASP B 76 -17.88 3.75 -7.96
C ASP B 76 -17.67 2.86 -6.76
N ALA B 77 -16.74 3.21 -5.87
CA ALA B 77 -16.60 2.42 -4.64
C ALA B 77 -17.61 2.78 -3.64
N GLY B 78 -17.85 1.83 -2.75
CA GLY B 78 -18.57 2.12 -1.54
C GLY B 78 -17.63 2.79 -0.53
N PRO B 79 -18.18 3.24 0.60
CA PRO B 79 -17.36 3.79 1.71
C PRO B 79 -16.18 2.98 2.14
N SER B 80 -16.22 1.67 1.95
CA SER B 80 -15.07 0.79 2.18
C SER B 80 -14.47 0.97 3.57
N SER B 81 -15.34 1.17 4.54
CA SER B 81 -14.93 1.33 5.92
C SER B 81 -13.99 2.50 6.13
N LEU B 82 -14.08 3.50 5.26
CA LEU B 82 -13.26 4.70 5.46
C LEU B 82 -13.49 5.33 6.82
N THR B 83 -12.37 5.64 7.53
CA THR B 83 -12.44 6.49 8.70
C THR B 83 -11.39 7.56 8.58
N VAL B 84 -11.72 8.70 9.16
CA VAL B 84 -10.78 9.78 9.27
C VAL B 84 -10.82 10.26 10.72
N THR B 85 -9.64 10.46 11.33
CA THR B 85 -9.54 10.76 12.77
C THR B 85 -8.60 11.95 12.90
N PHE B 86 -8.96 12.94 13.74
CA PHE B 86 -8.18 14.16 13.94
C PHE B 86 -7.65 14.35 15.35
N GLY B 87 -6.42 14.84 15.42
CA GLY B 87 -5.72 14.99 16.67
C GLY B 87 -4.88 16.26 16.69
N PHE B 88 -4.62 16.74 17.89
CA PHE B 88 -3.86 17.96 18.16
C PHE B 88 -2.59 17.71 18.96
N GLY B 89 -1.45 18.15 18.44
CA GLY B 89 -0.18 18.11 19.08
C GLY B 89 0.02 19.21 20.08
N HIS B 90 0.97 18.99 20.98
CA HIS B 90 1.35 19.97 22.03
C HIS B 90 1.64 21.33 21.43
N SER B 91 2.27 21.36 20.26
CA SER B 91 2.65 22.62 19.62
C SER B 91 1.46 23.43 19.08
N PHE B 92 0.34 22.77 18.78
CA PHE B 92 -0.87 23.49 18.31
C PHE B 92 -1.32 24.64 19.19
N PHE B 93 -1.25 24.41 20.49
CA PHE B 93 -1.87 25.26 21.50
C PHE B 93 -1.16 26.62 21.59
N GLY B 94 0.16 26.62 21.54
CA GLY B 94 0.91 27.89 21.48
C GLY B 94 0.75 28.70 20.20
N ARG B 95 0.33 28.05 19.10
CA ARG B 95 0.07 28.73 17.81
C ARG B 95 -1.31 29.39 17.69
N THR B 96 -2.21 29.05 18.61
CA THR B 96 -3.61 29.40 18.49
C THR B 96 -4.16 30.14 19.73
N GLY B 97 -3.26 30.55 20.62
CA GLY B 97 -3.62 31.19 21.89
C GLY B 97 -4.42 30.30 22.85
N LEU B 98 -4.16 28.99 22.80
CA LEU B 98 -4.91 28.00 23.57
C LEU B 98 -4.04 27.26 24.58
N GLU B 99 -2.94 27.87 25.02
N GLU B 99 -2.93 27.85 25.01
CA GLU B 99 -2.01 27.27 25.97
CA GLU B 99 -2.02 27.24 25.99
C GLU B 99 -2.70 26.81 27.26
C GLU B 99 -2.73 26.78 27.25
N LYS B 100 -3.71 27.55 27.70
CA LYS B 100 -4.46 27.22 28.91
C LYS B 100 -5.40 26.02 28.77
N GLN B 101 -5.68 25.62 27.53
CA GLN B 101 -6.43 24.39 27.24
C GLN B 101 -5.58 23.20 26.82
N ARG B 102 -4.26 23.37 26.82
CA ARG B 102 -3.34 22.30 26.50
C ARG B 102 -3.34 21.27 27.61
N PRO B 103 -3.74 20.03 27.31
CA PRO B 103 -3.84 19.05 28.38
C PRO B 103 -2.46 18.71 28.90
N VAL B 104 -2.31 18.54 30.21
CA VAL B 104 -1.09 17.98 30.79
C VAL B 104 -0.67 16.67 30.08
N ALA B 105 -1.65 15.87 29.65
CA ALA B 105 -1.40 14.62 28.89
C ALA B 105 -0.57 14.72 27.59
N LEU B 106 -0.45 15.93 27.02
CA LEU B 106 0.45 16.23 25.89
C LEU B 106 1.87 16.60 26.28
N ASP B 107 2.19 16.64 27.57
CA ASP B 107 3.60 16.77 27.93
C ASP B 107 4.48 15.75 27.13
N PRO B 108 5.67 16.19 26.63
CA PRO B 108 6.45 15.38 25.74
C PRO B 108 6.77 14.02 26.35
N LEU B 109 6.81 13.04 25.47
CA LEU B 109 7.21 11.72 25.80
C LEU B 109 8.69 11.74 26.28
N PRO B 110 9.06 10.81 27.15
CA PRO B 110 10.45 10.72 27.56
C PRO B 110 11.35 10.51 26.36
N ASP B 111 12.59 10.93 26.56
CA ASP B 111 13.73 10.60 25.70
C ASP B 111 14.25 9.22 26.12
N PHE B 112 13.71 8.18 25.52
CA PHE B 112 14.08 6.81 25.86
C PHE B 112 15.44 6.51 25.32
N SER B 113 16.22 5.71 26.02
CA SER B 113 17.59 5.49 25.60
C SER B 113 17.63 4.87 24.22
N SER B 114 16.60 4.05 23.90
CA SER B 114 16.55 3.37 22.60
C SER B 114 16.00 4.19 21.45
N ASP B 115 15.56 5.44 21.71
CA ASP B 115 15.03 6.30 20.64
C ASP B 115 16.04 6.47 19.50
N HIS B 116 15.56 6.43 18.25
CA HIS B 116 16.35 6.81 17.07
C HIS B 116 15.47 7.72 16.20
N LEU B 117 14.91 8.77 16.82
CA LEU B 117 13.82 9.54 16.22
C LEU B 117 14.24 10.58 15.22
N ASP B 118 13.75 10.48 13.99
CA ASP B 118 13.83 11.59 13.03
C ASP B 118 12.79 12.63 13.46
N LYS B 119 13.26 13.69 14.07
CA LYS B 119 12.34 14.68 14.64
C LYS B 119 11.60 15.50 13.61
N ASN B 120 12.11 15.59 12.38
CA ASN B 120 11.34 16.20 11.30
C ASN B 120 10.07 15.39 11.03
N ARG B 121 10.22 14.06 11.02
CA ARG B 121 9.12 13.08 10.80
C ARG B 121 8.34 12.70 12.04
N SER B 122 8.46 13.53 13.09
CA SER B 122 7.82 13.29 14.34
C SER B 122 6.97 14.49 14.69
N ASN B 123 6.04 14.24 15.61
CA ASN B 123 5.27 15.32 16.21
C ASN B 123 4.45 16.09 15.16
N GLY B 124 4.22 17.38 15.36
CA GLY B 124 3.36 18.18 14.46
C GLY B 124 2.21 18.88 15.20
N ASP B 125 1.73 19.98 14.65
CA ASP B 125 0.57 20.65 15.21
C ASP B 125 -0.70 19.76 15.16
N LEU B 126 -0.90 19.09 14.04
CA LEU B 126 -2.19 18.42 13.73
C LEU B 126 -1.87 17.07 13.16
N TRP B 127 -2.68 16.07 13.46
CA TRP B 127 -2.50 14.71 12.99
C TRP B 127 -3.79 14.22 12.39
N VAL B 128 -3.70 13.50 11.28
CA VAL B 128 -4.90 12.90 10.68
C VAL B 128 -4.57 11.44 10.38
N GLN B 129 -5.48 10.56 10.77
CA GLN B 129 -5.34 9.13 10.48
C GLN B 129 -6.44 8.80 9.49
N ILE B 130 -6.04 8.23 8.35
CA ILE B 130 -6.99 7.77 7.36
C ILE B 130 -6.81 6.30 7.20
N GLY B 131 -7.92 5.56 7.20
CA GLY B 131 -7.89 4.14 6.96
C GLY B 131 -9.09 3.77 6.13
N ALA B 132 -8.92 2.75 5.28
CA ALA B 132 -10.02 2.14 4.54
C ALA B 132 -9.59 0.75 4.08
N ASP B 133 -10.54 -0.03 3.54
CA ASP B 133 -10.21 -1.34 2.98
C ASP B 133 -9.98 -1.30 1.49
N ASP B 134 -10.13 -0.11 0.90
CA ASP B 134 -9.85 0.12 -0.51
C ASP B 134 -8.79 1.19 -0.68
N ALA B 135 -7.73 0.88 -1.44
CA ALA B 135 -6.61 1.83 -1.58
C ALA B 135 -6.99 3.15 -2.28
N LEU B 136 -7.90 3.11 -3.25
CA LEU B 136 -8.31 4.35 -3.92
C LEU B 136 -9.16 5.15 -3.01
N VAL B 137 -10.06 4.49 -2.27
CA VAL B 137 -10.85 5.24 -1.25
C VAL B 137 -9.92 5.93 -0.26
N ALA B 138 -8.94 5.21 0.24
CA ALA B 138 -7.98 5.77 1.20
C ALA B 138 -7.15 6.91 0.64
N PHE B 139 -6.59 6.73 -0.55
CA PHE B 139 -5.77 7.78 -1.18
C PHE B 139 -6.63 9.05 -1.45
N HIS B 140 -7.81 8.83 -2.01
CA HIS B 140 -8.74 9.93 -2.23
C HIS B 140 -8.96 10.74 -0.98
N ALA B 141 -9.11 10.10 0.17
CA ALA B 141 -9.38 10.84 1.40
C ALA B 141 -8.16 11.56 1.86
N LEU B 142 -7.00 10.92 1.78
CA LEU B 142 -5.73 11.62 2.10
C LEU B 142 -5.54 12.85 1.26
N ARG B 143 -5.71 12.75 -0.05
CA ARG B 143 -5.50 13.86 -0.94
C ARG B 143 -6.55 14.96 -0.67
N ALA B 144 -7.80 14.56 -0.38
CA ALA B 144 -8.79 15.61 -0.07
C ALA B 144 -8.53 16.39 1.23
N ILE B 145 -8.13 15.67 2.28
CA ILE B 145 -7.71 16.30 3.54
C ILE B 145 -6.48 17.18 3.29
N GLN B 146 -5.50 16.68 2.55
CA GLN B 146 -4.26 17.41 2.32
C GLN B 146 -4.54 18.71 1.50
N ARG B 147 -5.43 18.62 0.51
CA ARG B 147 -5.83 19.78 -0.28
C ARG B 147 -6.70 20.78 0.48
N ASP B 148 -7.50 20.28 1.42
CA ASP B 148 -8.26 21.13 2.33
C ASP B 148 -7.36 22.07 3.16
N ALA B 149 -6.16 21.62 3.49
CA ALA B 149 -5.25 22.40 4.31
C ALA B 149 -4.80 23.63 3.56
N GLY B 150 -4.68 23.51 2.24
CA GLY B 150 -4.24 24.58 1.36
C GLY B 150 -2.94 25.20 1.84
N ALA B 151 -2.93 26.51 1.95
CA ALA B 151 -1.74 27.23 2.38
C ALA B 151 -1.76 27.36 3.91
N ALA B 152 -2.93 27.14 4.54
CA ALA B 152 -3.14 27.28 6.01
C ALA B 152 -2.43 26.26 6.89
N ALA B 153 -2.07 25.16 6.32
CA ALA B 153 -1.16 24.25 6.97
C ALA B 153 -0.40 23.57 5.88
N ARG B 154 0.74 23.02 6.25
CA ARG B 154 1.58 22.24 5.35
C ARG B 154 1.76 20.83 5.86
N VAL B 155 1.97 19.91 4.95
CA VAL B 155 2.34 18.55 5.33
C VAL B 155 3.72 18.53 5.97
N ARG B 156 3.77 18.09 7.22
CA ARG B 156 5.06 17.90 7.91
C ARG B 156 5.69 16.53 7.62
N TRP B 157 4.89 15.46 7.81
CA TRP B 157 5.32 14.14 7.46
C TRP B 157 4.10 13.33 7.08
N GLN B 158 4.34 12.21 6.40
CA GLN B 158 3.21 11.44 5.92
C GLN B 158 3.68 10.03 5.67
N MET B 159 3.01 9.05 6.31
CA MET B 159 3.46 7.63 6.22
C MET B 159 2.29 6.79 5.73
N ASN B 160 2.63 5.71 5.04
CA ASN B 160 1.68 4.81 4.42
C ASN B 160 1.85 3.46 5.08
N GLY B 161 0.72 2.80 5.28
CA GLY B 161 0.68 1.51 5.87
C GLY B 161 -0.38 0.58 5.29
N PHE B 162 -0.28 -0.68 5.68
CA PHE B 162 -1.24 -1.72 5.24
C PHE B 162 -1.44 -2.78 6.31
N ASN B 163 -2.56 -3.49 6.20
CA ASN B 163 -2.85 -4.67 6.99
C ASN B 163 -3.39 -5.76 6.06
N ARG B 164 -3.66 -6.94 6.62
CA ARG B 164 -4.46 -7.95 5.98
C ARG B 164 -5.77 -7.37 5.48
N SER B 165 -6.21 -7.83 4.29
CA SER B 165 -7.52 -7.51 3.76
C SER B 165 -8.64 -8.35 4.34
N PRO B 166 -9.83 -7.76 4.47
CA PRO B 166 -11.00 -8.64 4.68
C PRO B 166 -11.08 -9.76 3.65
N GLY B 167 -11.46 -10.95 4.09
CA GLY B 167 -11.55 -12.10 3.22
C GLY B 167 -10.25 -12.77 2.91
N ALA B 168 -9.11 -12.26 3.38
CA ALA B 168 -7.84 -12.98 3.09
C ALA B 168 -7.78 -14.39 3.71
N THR B 169 -8.43 -14.57 4.85
CA THR B 169 -8.44 -15.81 5.62
C THR B 169 -9.83 -16.45 5.49
N ALA B 170 -9.89 -17.75 5.67
CA ALA B 170 -11.20 -18.49 5.60
C ALA B 170 -12.23 -17.98 6.61
N HIS B 171 -11.74 -17.58 7.78
CA HIS B 171 -12.54 -16.97 8.82
C HIS B 171 -11.80 -15.75 9.34
N PRO B 172 -12.56 -14.73 9.82
CA PRO B 172 -11.88 -13.59 10.42
C PRO B 172 -11.08 -13.99 11.61
N MET B 173 -9.85 -13.48 11.67
CA MET B 173 -8.99 -13.78 12.80
C MET B 173 -7.95 -12.73 12.97
N THR B 174 -7.36 -12.71 14.15
CA THR B 174 -6.33 -11.76 14.47
C THR B 174 -5.27 -11.67 13.35
N ALA B 175 -4.90 -10.43 13.05
CA ALA B 175 -3.88 -10.07 12.07
C ALA B 175 -2.51 -10.62 12.40
N ARG B 176 -1.61 -10.52 11.41
CA ARG B 176 -0.16 -10.68 11.60
C ARG B 176 0.61 -9.43 11.26
N ASN B 177 1.83 -9.34 11.79
CA ASN B 177 2.76 -8.27 11.44
C ASN B 177 3.92 -8.85 10.58
N LEU B 178 4.89 -8.01 10.22
CA LEU B 178 5.95 -8.43 9.30
C LEU B 178 7.03 -9.27 9.94
N MET B 179 6.97 -9.42 11.27
CA MET B 179 7.73 -10.47 11.98
C MET B 179 7.04 -11.84 11.94
N GLY B 180 5.79 -11.89 11.43
CA GLY B 180 5.06 -13.14 11.31
C GLY B 180 4.34 -13.52 12.58
N GLN B 181 4.23 -12.57 13.51
CA GLN B 181 3.55 -12.79 14.77
C GLN B 181 2.11 -12.48 14.63
N VAL B 182 1.27 -13.24 15.32
CA VAL B 182 -0.09 -12.86 15.59
C VAL B 182 -0.06 -11.58 16.43
N ASP B 183 -0.78 -10.54 15.98
CA ASP B 183 -0.60 -9.22 16.50
C ASP B 183 -1.99 -8.67 16.73
N GLY B 184 -2.37 -8.61 18.00
CA GLY B 184 -3.61 -7.99 18.42
C GLY B 184 -4.48 -8.73 19.41
N THR B 185 -4.08 -9.93 19.82
CA THR B 185 -4.86 -10.77 20.73
C THR B 185 -5.40 -10.09 21.99
N ARG B 186 -4.52 -9.41 22.74
CA ARG B 186 -4.83 -8.97 24.12
C ARG B 186 -5.21 -7.51 24.29
N ASN B 187 -5.77 -6.91 23.26
CA ASN B 187 -6.22 -5.54 23.44
C ASN B 187 -7.41 -5.45 24.38
N PRO B 188 -7.48 -4.37 25.17
CA PRO B 188 -8.77 -4.01 25.76
C PRO B 188 -9.85 -3.88 24.71
N LYS B 189 -11.06 -4.34 25.05
CA LYS B 189 -12.23 -4.35 24.14
C LYS B 189 -13.40 -3.57 24.73
N PRO B 190 -14.16 -2.83 23.89
CA PRO B 190 -15.45 -2.26 24.34
C PRO B 190 -16.32 -3.39 24.92
N GLY B 191 -16.96 -3.08 26.02
CA GLY B 191 -17.78 -4.04 26.76
C GLY B 191 -17.11 -4.46 28.04
N GLU B 192 -15.78 -4.29 28.16
CA GLU B 192 -15.10 -4.61 29.40
C GLU B 192 -15.34 -3.46 30.35
N ALA B 193 -15.49 -3.77 31.64
CA ALA B 193 -15.92 -2.74 32.61
C ALA B 193 -14.98 -1.57 32.72
N ASP B 194 -13.69 -1.84 32.55
CA ASP B 194 -12.67 -0.81 32.68
C ASP B 194 -12.20 -0.22 31.34
N PHE B 195 -12.88 -0.56 30.26
CA PHE B 195 -12.44 -0.15 28.93
C PHE B 195 -12.46 1.39 28.82
N ASP B 196 -13.60 2.00 29.08
CA ASP B 196 -13.68 3.47 28.98
C ASP B 196 -12.69 4.19 29.86
N ARG B 197 -12.55 3.75 31.11
CA ARG B 197 -11.61 4.37 32.04
C ARG B 197 -10.18 4.24 31.48
N ARG B 198 -9.86 3.09 30.90
CA ARG B 198 -8.57 2.94 30.30
C ARG B 198 -8.35 3.78 29.05
N ILE B 199 -9.35 3.97 28.20
CA ILE B 199 -9.10 4.45 26.85
C ILE B 199 -9.56 5.88 26.58
N PHE B 200 -10.54 6.34 27.32
CA PHE B 200 -11.23 7.59 26.98
C PHE B 200 -11.26 8.54 28.16
N VAL B 201 -11.10 9.83 27.88
CA VAL B 201 -11.23 10.89 28.86
C VAL B 201 -12.73 10.93 29.23
N PRO B 202 -13.08 10.98 30.53
CA PRO B 202 -14.53 10.92 30.83
C PRO B 202 -15.29 12.16 30.40
N GLU B 203 -16.59 11.96 30.21
CA GLU B 203 -17.56 13.03 29.91
C GLU B 203 -17.74 13.95 31.14
N PRO B 212 -8.98 19.02 30.60
CA PRO B 212 -9.83 20.07 30.07
C PRO B 212 -11.04 19.51 29.31
N ALA B 213 -12.14 20.27 29.39
CA ALA B 213 -13.45 19.80 28.95
C ALA B 213 -13.56 19.53 27.45
N TRP B 214 -12.76 20.24 26.64
CA TRP B 214 -12.79 19.99 25.20
C TRP B 214 -12.34 18.58 24.82
N MET B 215 -11.63 17.87 25.72
CA MET B 215 -11.24 16.45 25.48
C MET B 215 -12.23 15.38 25.98
N ALA B 216 -13.38 15.79 26.49
CA ALA B 216 -14.38 14.84 26.94
C ALA B 216 -14.67 13.84 25.84
N ASN B 217 -14.57 12.57 26.20
CA ASN B 217 -14.79 11.43 25.30
C ASN B 217 -13.67 11.28 24.28
N GLY B 218 -12.58 12.00 24.48
CA GLY B 218 -11.43 11.98 23.61
C GLY B 218 -10.48 10.86 24.07
N SER B 219 -9.40 10.66 23.31
CA SER B 219 -8.34 9.76 23.71
C SER B 219 -7.00 10.40 23.30
N TYR B 220 -5.91 9.89 23.86
CA TYR B 220 -4.55 10.28 23.44
C TYR B 220 -3.91 9.16 22.65
N VAL B 221 -3.40 9.50 21.46
CA VAL B 221 -2.79 8.48 20.59
C VAL B 221 -1.31 8.71 20.70
N VAL B 222 -0.57 7.62 20.71
CA VAL B 222 0.89 7.66 20.50
C VAL B 222 1.15 6.89 19.22
N VAL B 223 1.84 7.53 18.29
CA VAL B 223 2.29 6.93 17.03
C VAL B 223 3.78 6.69 17.13
N ARG B 224 4.24 5.49 16.76
CA ARG B 224 5.68 5.23 16.70
C ARG B 224 5.97 4.50 15.40
N ARG B 225 6.86 5.06 14.58
CA ARG B 225 7.30 4.35 13.39
C ARG B 225 8.40 3.48 13.86
N ILE B 226 8.14 2.18 13.89
CA ILE B 226 9.06 1.22 14.43
C ILE B 226 9.57 0.27 13.32
N ARG B 227 10.85 0.40 12.95
CA ARG B 227 11.45 -0.47 11.95
C ARG B 227 11.74 -1.78 12.58
N MET B 228 11.34 -2.83 11.89
CA MET B 228 11.75 -4.20 12.26
C MET B 228 13.11 -4.53 11.63
N LEU B 229 14.05 -4.99 12.44
CA LEU B 229 15.31 -5.43 11.92
C LEU B 229 15.20 -6.85 11.38
N LEU B 230 14.50 -6.97 10.24
CA LEU B 230 14.15 -8.25 9.67
C LEU B 230 15.38 -9.05 9.27
N ASP B 231 16.43 -8.37 8.86
CA ASP B 231 17.68 -9.10 8.54
C ASP B 231 18.23 -9.82 9.73
N ASP B 232 18.11 -9.28 10.92
CA ASP B 232 18.56 -9.98 12.11
C ASP B 232 17.51 -10.96 12.59
N TRP B 233 16.24 -10.51 12.64
CA TRP B 233 15.13 -11.32 13.09
C TRP B 233 14.99 -12.66 12.35
N GLU B 234 15.13 -12.62 11.04
CA GLU B 234 14.87 -13.76 10.21
C GLU B 234 16.02 -14.77 10.14
N GLU B 235 17.13 -14.48 10.84
CA GLU B 235 18.16 -15.49 11.07
C GLU B 235 17.96 -16.34 12.32
N LEU B 236 16.99 -15.95 13.14
CA LEU B 236 16.72 -16.62 14.41
C LEU B 236 15.97 -17.92 14.22
N SER B 237 16.19 -18.85 15.15
CA SER B 237 15.33 -20.04 15.26
C SER B 237 13.89 -19.72 15.69
N LEU B 238 12.97 -20.64 15.42
CA LEU B 238 11.59 -20.45 15.91
C LEU B 238 11.61 -20.29 17.43
N LYS B 239 12.38 -21.13 18.13
CA LYS B 239 12.46 -21.00 19.59
C LYS B 239 12.88 -19.58 20.01
N ALA B 240 13.94 -19.06 19.40
CA ALA B 240 14.40 -17.74 19.75
C ALA B 240 13.32 -16.64 19.51
N GLN B 241 12.71 -16.66 18.33
CA GLN B 241 11.63 -15.73 18.03
C GLN B 241 10.45 -15.85 18.99
N GLU B 242 10.08 -17.06 19.36
CA GLU B 242 8.92 -17.24 20.24
C GLU B 242 9.25 -16.81 21.66
N ASP B 243 10.49 -16.97 22.05
CA ASP B 243 10.95 -16.56 23.38
C ASP B 243 10.98 -15.02 23.52
N VAL B 244 11.16 -14.32 22.42
CA VAL B 244 11.15 -12.88 22.41
C VAL B 244 9.74 -12.36 22.74
N ILE B 245 8.73 -13.04 22.25
CA ILE B 245 7.36 -12.64 22.48
C ILE B 245 6.70 -13.38 23.66
N GLY B 246 6.96 -14.68 23.81
CA GLY B 246 6.28 -15.51 24.81
C GLY B 246 5.00 -16.18 24.30
N ARG B 247 4.75 -16.01 22.99
CA ARG B 247 3.60 -16.62 22.30
C ARG B 247 4.06 -17.31 21.04
N ARG B 248 3.31 -18.34 20.64
CA ARG B 248 3.62 -19.11 19.45
C ARG B 248 3.31 -18.35 18.18
N LYS B 249 4.15 -18.54 17.17
CA LYS B 249 3.92 -18.00 15.82
C LYS B 249 2.77 -18.72 15.10
N SER B 250 2.56 -20.00 15.37
CA SER B 250 1.54 -20.74 14.62
C SER B 250 0.13 -20.21 14.83
N ASP B 251 -0.24 -20.00 16.10
CA ASP B 251 -1.59 -19.56 16.48
C ASP B 251 -1.63 -18.47 17.50
N GLY B 252 -0.48 -18.00 18.02
CA GLY B 252 -0.56 -16.89 19.03
C GLY B 252 -0.83 -17.30 20.49
N ALA B 253 -0.85 -18.62 20.72
CA ALA B 253 -1.15 -19.17 22.04
C ALA B 253 0.06 -18.92 22.93
N PRO B 254 -0.16 -18.80 24.25
CA PRO B 254 0.98 -18.59 25.14
C PRO B 254 1.92 -19.78 25.05
N LEU B 255 3.23 -19.54 25.19
CA LEU B 255 4.20 -20.65 25.24
C LEU B 255 3.89 -21.62 26.41
N SER B 256 3.28 -21.10 27.48
CA SER B 256 2.84 -21.92 28.59
C SER B 256 1.73 -22.92 28.25
N GLY B 257 1.09 -22.78 27.08
CA GLY B 257 0.01 -23.68 26.66
C GLY B 257 0.50 -25.00 26.08
N GLY B 258 -0.37 -26.01 26.13
CA GLY B 258 -0.16 -27.27 25.42
C GLY B 258 -0.62 -27.19 23.97
N SER B 259 -0.62 -28.34 23.27
CA SER B 259 -1.10 -28.43 21.89
C SER B 259 -2.56 -27.98 21.77
N GLY B 260 -3.39 -28.35 22.74
CA GLY B 260 -4.79 -27.90 22.80
C GLY B 260 -5.02 -26.42 23.07
N ALA B 261 -3.99 -25.71 23.54
CA ALA B 261 -4.09 -24.27 23.77
C ALA B 261 -4.26 -23.52 22.46
N THR B 262 -4.99 -22.42 22.52
CA THR B 262 -5.24 -21.58 21.36
C THR B 262 -4.90 -20.15 21.70
N GLU B 263 -5.12 -19.28 20.74
CA GLU B 263 -4.95 -17.85 20.93
C GLU B 263 -5.59 -17.27 22.20
N SER B 264 -6.72 -17.84 22.65
CA SER B 264 -7.45 -17.32 23.82
C SER B 264 -6.99 -17.91 25.17
N THR B 265 -6.19 -18.97 25.13
CA THR B 265 -5.71 -19.61 26.35
C THR B 265 -4.92 -18.60 27.18
N GLU B 266 -5.21 -18.55 28.48
CA GLU B 266 -4.59 -17.60 29.37
C GLU B 266 -3.10 -17.93 29.56
N MET B 267 -2.27 -16.90 29.70
N MET B 267 -2.28 -16.88 29.68
CA MET B 267 -0.83 -17.09 29.82
CA MET B 267 -0.85 -16.98 29.94
C MET B 267 -0.48 -17.49 31.26
C MET B 267 -0.67 -17.63 31.29
N ASP B 268 0.28 -18.56 31.42
CA ASP B 268 0.74 -19.02 32.75
C ASP B 268 2.15 -18.47 32.99
N LEU B 269 2.18 -17.42 33.78
CA LEU B 269 3.40 -16.68 34.01
C LEU B 269 4.28 -17.29 35.09
N GLU B 270 3.76 -18.33 35.76
CA GLU B 270 4.50 -19.09 36.75
C GLU B 270 5.04 -20.42 36.22
N LYS B 271 4.52 -20.91 35.10
CA LYS B 271 4.94 -22.23 34.59
C LYS B 271 6.46 -22.33 34.35
N THR B 272 7.05 -23.45 34.78
CA THR B 272 8.49 -23.74 34.58
C THR B 272 8.80 -25.05 33.84
N ASP B 273 9.96 -25.10 33.21
CA ASP B 273 10.55 -26.30 32.62
C ASP B 273 10.87 -27.36 33.65
N GLY B 274 10.93 -28.60 33.20
CA GLY B 274 11.77 -29.61 33.84
C GLY B 274 13.20 -29.16 33.61
N SER B 275 13.81 -28.61 34.67
CA SER B 275 15.08 -27.84 34.69
C SER B 275 14.87 -26.52 35.45
N GLY B 276 13.62 -26.12 35.64
CA GLY B 276 13.28 -25.05 36.56
C GLY B 276 13.03 -23.69 35.92
N GLU B 277 13.32 -23.54 34.61
CA GLU B 277 13.29 -22.23 33.96
C GLU B 277 11.88 -21.89 33.47
N LEU B 278 11.55 -20.62 33.53
CA LEU B 278 10.23 -20.17 33.13
C LEU B 278 9.96 -20.43 31.65
N VAL B 279 8.82 -21.03 31.38
CA VAL B 279 8.39 -21.32 30.02
C VAL B 279 8.11 -20.04 29.21
N VAL B 280 7.47 -19.04 29.83
CA VAL B 280 7.33 -17.69 29.24
C VAL B 280 8.47 -16.83 29.80
N PRO B 281 9.45 -16.48 28.97
CA PRO B 281 10.62 -15.80 29.51
C PRO B 281 10.34 -14.53 30.30
N ILE B 282 11.24 -14.22 31.22
CA ILE B 282 11.08 -13.11 32.16
C ILE B 282 11.09 -11.74 31.49
N ASN B 283 11.67 -11.67 30.29
CA ASN B 283 11.73 -10.44 29.49
C ASN B 283 10.96 -10.58 28.17
N ALA B 284 10.04 -11.55 28.09
CA ALA B 284 9.20 -11.72 26.90
C ALA B 284 8.24 -10.55 26.74
N HIS B 285 8.08 -10.10 25.49
CA HIS B 285 7.32 -8.87 25.23
C HIS B 285 5.90 -9.02 25.74
N ALA B 286 5.26 -10.18 25.48
CA ALA B 286 3.86 -10.36 25.88
C ALA B 286 3.67 -10.71 27.38
N ARG B 287 4.76 -10.85 28.11
CA ARG B 287 4.71 -10.90 29.57
C ARG B 287 4.76 -9.49 30.06
N ILE B 288 5.83 -8.77 29.72
CA ILE B 288 6.18 -7.52 30.40
C ILE B 288 5.34 -6.30 30.02
N THR B 289 4.56 -6.42 28.96
CA THR B 289 3.63 -5.39 28.52
C THR B 289 2.23 -5.50 29.12
N ARG B 290 1.93 -6.56 29.87
CA ARG B 290 0.55 -6.77 30.30
C ARG B 290 0.16 -5.70 31.35
N PRO B 291 -1.11 -5.24 31.38
CA PRO B 291 -1.50 -4.31 32.43
C PRO B 291 -1.22 -4.81 33.84
N ASP B 292 -1.35 -6.13 34.07
CA ASP B 292 -1.08 -6.68 35.42
C ASP B 292 0.41 -6.73 35.82
N GLN B 293 1.28 -6.40 34.88
CA GLN B 293 2.69 -6.22 35.17
C GLN B 293 3.08 -4.75 35.18
N ASN B 294 2.12 -3.84 35.02
CA ASN B 294 2.40 -2.42 34.89
C ASN B 294 1.38 -1.57 35.69
N GLY B 295 1.00 -2.05 36.88
CA GLY B 295 0.04 -1.34 37.73
C GLY B 295 -1.26 -0.96 37.06
N GLY B 296 -1.68 -1.71 36.03
CA GLY B 296 -2.95 -1.39 35.38
C GLY B 296 -2.79 -0.58 34.10
N ALA B 297 -1.57 -0.15 33.80
CA ALA B 297 -1.30 0.56 32.53
C ALA B 297 -1.75 -0.18 31.31
N ALA B 298 -2.53 0.48 30.48
CA ALA B 298 -3.23 -0.18 29.40
C ALA B 298 -3.38 0.70 28.17
N MET B 299 -3.54 0.05 27.01
CA MET B 299 -3.76 0.81 25.78
C MET B 299 -4.44 -0.08 24.78
N VAL B 300 -5.10 0.54 23.82
CA VAL B 300 -5.59 -0.18 22.65
C VAL B 300 -4.60 0.00 21.51
N ARG B 301 -4.06 -1.10 20.98
CA ARG B 301 -3.16 -1.04 19.88
C ARG B 301 -3.90 -1.32 18.59
N ARG B 302 -3.70 -0.43 17.61
CA ARG B 302 -4.43 -0.47 16.34
C ARG B 302 -3.50 0.06 15.24
N PRO B 303 -2.53 -0.78 14.84
CA PRO B 303 -1.42 -0.38 14.00
C PRO B 303 -1.66 -0.68 12.50
N PHE B 304 -0.71 -0.25 11.70
CA PHE B 304 -0.54 -0.69 10.31
C PHE B 304 0.87 -1.11 10.16
N SER B 305 1.11 -2.07 9.27
CA SER B 305 2.44 -2.42 8.88
C SER B 305 2.93 -1.50 7.79
N TYR B 306 4.24 -1.36 7.62
CA TYR B 306 4.77 -0.55 6.51
C TYR B 306 5.93 -1.24 5.83
N HIS B 307 6.09 -0.92 4.56
CA HIS B 307 7.29 -1.22 3.77
C HIS B 307 7.50 -0.11 2.75
N ASP B 308 8.61 0.61 2.86
CA ASP B 308 8.89 1.78 2.00
C ASP B 308 10.19 1.64 1.17
N GLY B 309 10.65 0.40 1.02
CA GLY B 309 11.80 0.05 0.13
C GLY B 309 13.01 -0.51 0.82
N PHE B 310 14.11 -0.52 0.06
CA PHE B 310 15.36 -1.06 0.49
C PHE B 310 16.45 -0.02 0.34
N ASP B 311 17.34 0.05 1.32
CA ASP B 311 18.56 0.85 1.14
C ASP B 311 19.64 0.14 0.26
N ALA B 312 20.82 0.77 0.13
CA ALA B 312 21.87 0.28 -0.77
C ALA B 312 22.38 -1.09 -0.40
N ASP B 313 22.32 -1.45 0.89
CA ASP B 313 22.79 -2.76 1.38
C ASP B 313 21.65 -3.80 1.51
N GLY B 314 20.51 -3.49 0.94
CA GLY B 314 19.38 -4.40 0.91
C GLY B 314 18.57 -4.40 2.21
N VAL B 315 18.74 -3.39 3.05
CA VAL B 315 18.02 -3.35 4.31
C VAL B 315 16.61 -2.87 4.09
N PRO B 316 15.62 -3.66 4.51
CA PRO B 316 14.27 -3.17 4.26
C PRO B 316 13.79 -2.04 5.22
N ASP B 317 13.18 -1.01 4.67
CA ASP B 317 12.54 0.09 5.47
C ASP B 317 11.12 -0.33 5.76
N ALA B 318 11.02 -1.28 6.68
CA ALA B 318 9.80 -2.05 6.90
C ALA B 318 9.62 -2.16 8.38
N GLY B 319 8.37 -2.20 8.82
CA GLY B 319 8.11 -2.27 10.24
C GLY B 319 6.65 -2.18 10.61
N LEU B 320 6.43 -1.63 11.81
CA LEU B 320 5.10 -1.43 12.33
C LEU B 320 4.87 0.06 12.51
N LEU B 321 3.80 0.55 11.91
CA LEU B 321 3.28 1.86 12.27
C LEU B 321 2.45 1.63 13.52
N PHE B 322 3.14 1.70 14.66
CA PHE B 322 2.53 1.47 15.96
C PHE B 322 1.65 2.63 16.33
N VAL B 323 0.37 2.34 16.64
CA VAL B 323 -0.61 3.36 17.03
C VAL B 323 -1.35 2.80 18.23
N CYS B 324 -1.24 3.52 19.35
CA CYS B 324 -1.92 3.10 20.56
C CYS B 324 -2.72 4.24 21.18
N TRP B 325 -3.78 3.82 21.87
CA TRP B 325 -4.85 4.73 22.36
C TRP B 325 -5.04 4.55 23.85
N GLN B 326 -5.14 5.68 24.57
CA GLN B 326 -5.20 5.62 26.05
C GLN B 326 -5.80 6.88 26.58
N ALA B 327 -6.43 6.79 27.75
CA ALA B 327 -6.98 8.00 28.38
C ALA B 327 -5.88 8.94 28.90
N ASP B 328 -4.73 8.37 29.24
CA ASP B 328 -3.58 9.11 29.78
C ASP B 328 -2.33 8.34 29.37
N PRO B 329 -1.42 8.99 28.58
CA PRO B 329 -0.18 8.33 28.24
C PRO B 329 0.64 7.87 29.43
N LEU B 330 0.52 8.56 30.57
CA LEU B 330 1.24 8.14 31.75
C LEU B 330 0.68 6.86 32.40
N ARG B 331 -0.49 6.40 31.98
CA ARG B 331 -1.05 5.12 32.41
C ARG B 331 -1.19 4.14 31.24
N GLY B 332 -0.36 4.34 30.20
CA GLY B 332 -0.44 3.52 29.00
C GLY B 332 0.96 3.39 28.41
N PHE B 333 1.09 3.93 27.20
CA PHE B 333 2.35 3.94 26.51
C PHE B 333 3.62 4.23 27.37
N VAL B 334 3.66 5.34 28.10
CA VAL B 334 4.87 5.83 28.76
C VAL B 334 5.46 4.82 29.78
N PRO B 335 4.69 4.36 30.79
CA PRO B 335 5.29 3.39 31.72
C PRO B 335 5.67 2.10 31.01
N VAL B 336 4.88 1.68 30.02
CA VAL B 336 5.21 0.40 29.37
C VAL B 336 6.51 0.54 28.61
N GLN B 337 6.60 1.61 27.81
CA GLN B 337 7.79 1.83 27.03
C GLN B 337 9.01 2.10 27.91
N ARG B 338 8.84 2.72 29.07
CA ARG B 338 9.97 2.84 30.00
C ARG B 338 10.58 1.46 30.32
N LYS B 339 9.72 0.48 30.54
CA LYS B 339 10.13 -0.87 30.81
C LYS B 339 10.74 -1.55 29.59
N LEU B 340 10.11 -1.36 28.43
CA LEU B 340 10.51 -2.04 27.23
C LEU B 340 11.88 -1.59 26.76
N ASP B 341 12.13 -0.29 26.87
CA ASP B 341 13.35 0.36 26.35
C ASP B 341 14.59 -0.51 26.39
N ARG B 342 14.99 -0.93 27.60
CA ARG B 342 16.06 -1.93 27.77
C ARG B 342 15.63 -3.31 28.28
N GLY B 343 14.44 -3.41 28.85
CA GLY B 343 14.00 -4.58 29.53
C GLY B 343 13.34 -5.59 28.64
N ASP B 344 12.99 -5.22 27.39
CA ASP B 344 12.26 -6.13 26.49
C ASP B 344 13.21 -6.93 25.56
N ALA B 345 13.03 -8.24 25.47
CA ALA B 345 13.75 -9.08 24.48
C ALA B 345 13.58 -8.60 23.03
N LEU B 346 12.42 -7.99 22.76
CA LEU B 346 12.13 -7.46 21.42
C LEU B 346 12.98 -6.25 21.03
N SER B 347 13.46 -5.50 21.99
CA SER B 347 14.11 -4.18 21.69
C SER B 347 15.29 -4.31 20.75
N GLN B 348 16.02 -5.38 20.92
CA GLN B 348 17.19 -5.74 20.10
C GLN B 348 16.86 -5.84 18.58
N PHE B 349 15.60 -6.07 18.26
CA PHE B 349 15.14 -6.37 16.91
C PHE B 349 14.32 -5.25 16.30
N ILE B 350 14.17 -4.13 16.99
CA ILE B 350 13.39 -3.06 16.48
C ILE B 350 14.07 -1.70 16.69
N ARG B 351 13.65 -0.71 15.91
CA ARG B 351 14.17 0.65 16.08
C ARG B 351 13.05 1.67 15.98
N HIS B 352 12.81 2.43 17.06
CA HIS B 352 11.82 3.52 17.02
C HIS B 352 12.45 4.68 16.29
N GLU B 353 11.89 5.01 15.12
CA GLU B 353 12.49 5.98 14.20
C GLU B 353 11.65 7.23 13.96
N ALA B 354 10.43 7.25 14.52
CA ALA B 354 9.62 8.48 14.52
C ALA B 354 8.54 8.34 15.56
N SER B 355 8.03 9.47 16.04
CA SER B 355 7.07 9.43 17.14
C SER B 355 6.12 10.58 17.07
N GLY B 356 4.93 10.40 17.60
CA GLY B 356 4.06 11.54 17.87
C GLY B 356 3.04 11.24 18.94
N LEU B 357 2.56 12.27 19.60
CA LEU B 357 1.61 12.18 20.68
C LEU B 357 0.56 13.21 20.41
N PHE B 358 -0.68 12.78 20.27
CA PHE B 358 -1.74 13.70 19.87
C PHE B 358 -2.99 13.50 20.72
N ALA B 359 -3.65 14.62 21.01
CA ALA B 359 -4.97 14.66 21.70
C ALA B 359 -6.07 14.59 20.67
N VAL B 360 -6.91 13.57 20.78
CA VAL B 360 -7.90 13.22 19.79
C VAL B 360 -9.27 13.38 20.49
N PRO B 361 -9.98 14.49 20.21
CA PRO B 361 -11.22 14.71 20.96
C PRO B 361 -12.35 13.74 20.64
N GLY B 362 -13.47 13.91 21.34
CA GLY B 362 -14.67 13.16 21.03
C GLY B 362 -15.15 13.39 19.61
N GLY B 363 -16.04 12.50 19.19
CA GLY B 363 -16.61 12.55 17.86
C GLY B 363 -17.47 13.80 17.69
N ALA B 364 -17.64 14.24 16.46
CA ALA B 364 -18.48 15.41 16.21
C ALA B 364 -19.93 14.98 16.29
N ALA B 365 -20.76 15.90 16.76
CA ALA B 365 -22.20 15.70 16.71
C ALA B 365 -22.76 16.32 15.44
N GLU B 366 -24.02 16.01 15.16
CA GLU B 366 -24.71 16.60 14.03
C GLU B 366 -24.54 18.12 14.10
N GLY B 367 -24.09 18.69 12.99
CA GLY B 367 -23.91 20.11 12.87
C GLY B 367 -22.53 20.61 13.28
N GLU B 368 -21.73 19.77 13.92
CA GLU B 368 -20.47 20.16 14.53
C GLU B 368 -19.27 19.74 13.74
N TYR B 369 -18.15 20.36 14.06
CA TYR B 369 -16.86 19.91 13.57
C TYR B 369 -16.02 19.37 14.70
N VAL B 370 -15.06 18.52 14.33
CA VAL B 370 -14.21 17.87 15.31
C VAL B 370 -13.28 18.90 15.97
N GLY B 371 -13.22 18.88 17.30
CA GLY B 371 -12.54 19.92 18.04
C GLY B 371 -13.29 21.25 18.20
N GLN B 372 -14.60 21.28 17.92
CA GLN B 372 -15.36 22.55 18.04
C GLN B 372 -15.34 23.07 19.48
N ARG B 373 -15.52 22.22 20.48
CA ARG B 373 -15.44 22.67 21.87
C ARG B 373 -14.12 23.36 22.17
N LEU B 374 -13.01 22.88 21.60
CA LEU B 374 -11.72 23.53 21.80
C LEU B 374 -11.62 24.85 21.09
N LEU B 375 -11.97 24.88 19.81
CA LEU B 375 -11.76 26.10 18.98
C LEU B 375 -12.84 27.17 19.18
N GLU B 376 -14.05 26.80 19.54
CA GLU B 376 -15.11 27.77 19.85
C GLU B 376 -15.06 28.12 21.29
CHA HEM C . -5.82 4.44 -22.77
CHB HEM C . -4.61 7.10 -18.88
CHC HEM C . 0.11 6.56 -20.00
CHD HEM C . -1.16 3.87 -23.83
C1A HEM C . -5.87 5.20 -21.62
C2A HEM C . -7.09 5.63 -21.01
C3A HEM C . -6.72 6.37 -19.94
C4A HEM C . -5.30 6.42 -19.88
CMA HEM C . -7.64 7.06 -18.96
CAA HEM C . -8.49 5.35 -21.53
CBA HEM C . -9.23 4.13 -21.00
CGA HEM C . -8.58 2.85 -21.49
O1A HEM C . -8.86 2.39 -22.61
O2A HEM C . -7.78 2.32 -20.72
C1B HEM C . -3.21 7.18 -18.84
C2B HEM C . -2.47 7.84 -17.81
C3B HEM C . -1.14 7.72 -18.12
C4B HEM C . -1.09 6.91 -19.37
CMB HEM C . -3.10 8.59 -16.68
CAB HEM C . 0.06 8.15 -17.38
CBB HEM C . 0.05 8.57 -16.11
C1C HEM C . 0.18 5.80 -21.18
C2C HEM C . 1.37 5.45 -21.86
C3C HEM C . 1.01 4.69 -22.98
C4C HEM C . -0.43 4.54 -22.90
CMC HEM C . 2.75 5.90 -21.40
CAC HEM C . 1.84 4.07 -24.06
CBC HEM C . 3.04 4.50 -24.41
C1D HEM C . -2.53 3.77 -23.80
C2D HEM C . -3.27 2.99 -24.80
C3D HEM C . -4.59 3.17 -24.50
C4D HEM C . -4.60 4.07 -23.33
CMD HEM C . -2.75 2.12 -25.94
CAD HEM C . -5.78 2.56 -25.20
CBD HEM C . -6.12 3.23 -26.52
CGD HEM C . -7.29 2.58 -27.20
O1D HEM C . -8.49 3.00 -26.96
O2D HEM C . -6.98 1.66 -28.04
NA HEM C . -4.80 5.72 -20.94
NB HEM C . -2.38 6.62 -19.71
NC HEM C . -0.90 5.31 -21.86
ND HEM C . -3.36 4.47 -22.98
FE HEM C . -2.90 5.52 -21.41
O1 OXY D . -3.00 3.83 -20.03
O2 OXY D . -3.01 3.92 -18.80
CHA HEM E . 1.32 -7.44 22.68
CHB HEM E . 4.36 -7.36 18.87
CHC HEM E . 5.69 -2.79 20.03
CHD HEM E . 2.68 -2.98 23.80
C1A HEM E . 2.05 -7.78 21.57
C2A HEM E . 2.04 -9.08 20.96
C3A HEM E . 2.86 -9.06 19.89
C4A HEM E . 3.44 -7.75 19.84
CMA HEM E . 3.19 -10.17 18.94
CAA HEM E . 1.24 -10.28 21.43
CBA HEM E . -0.17 -10.59 20.91
CGA HEM E . -1.08 -9.47 21.37
O1A HEM E . -1.58 -9.51 22.48
O2A HEM E . -1.32 -8.51 20.60
C1B HEM E . 4.98 -6.07 18.86
C2B HEM E . 5.90 -5.64 17.87
C3B HEM E . 6.30 -4.35 18.15
C4B HEM E . 5.56 -4.01 19.39
CMB HEM E . 6.37 -6.45 16.72
CAB HEM E . 7.16 -3.37 17.47
CBB HEM E . 7.36 -3.35 16.15
C1C HEM E . 5.00 -2.42 21.18
C2C HEM E . 5.20 -1.26 21.91
C3C HEM E . 4.30 -1.25 22.99
C4C HEM E . 3.63 -2.53 22.92
CMC HEM E . 6.15 -0.14 21.50
CAC HEM E . 4.06 -0.27 24.11
CBC HEM E . 4.91 0.65 24.48
C1D HEM E . 2.07 -4.23 23.76
C2D HEM E . 1.00 -4.59 24.69
C3D HEM E . 0.63 -5.84 24.41
C4D HEM E . 1.47 -6.21 23.26
CMD HEM E . 0.44 -3.77 25.79
CAD HEM E . -0.42 -6.64 25.10
CBD HEM E . 0.06 -7.11 26.46
CGD HEM E . -0.94 -8.10 27.07
O1D HEM E . -0.98 -9.32 26.78
O2D HEM E . -1.81 -7.66 27.85
NA HEM E . 2.97 -7.00 20.90
NB HEM E . 4.83 -5.06 19.72
NC HEM E . 4.15 -3.23 21.84
ND HEM E . 2.34 -5.24 22.91
FE HEM E . 3.56 -5.16 21.39
O1 OXY F . 1.96 -4.28 18.94
O2 OXY F . 2.12 -4.38 20.16
#